data_2CHN
#
_entry.id   2CHN
#
_cell.length_a   51.714
_cell.length_b   94.544
_cell.length_c   99.479
_cell.angle_alpha   75.34
_cell.angle_beta   93.86
_cell.angle_gamma   77.07
#
_symmetry.space_group_name_H-M   'P 1'
#
loop_
_entity.id
_entity.type
_entity.pdbx_description
1 polymer GLUCOSAMINIDASE
2 polymer GLUCOSAMINIDASE
3 non-polymer 'CALCIUM ION'
4 non-polymer 3AR,5R,6S,7R,7AR-5-HYDROXYMETHYL-2-METHYL-5,6,7,7A-TETRAHYDRO-3AH-PYRANO[3,2-D]THIAZOLE-6,7-DIOL
5 non-polymer GLYCEROL
6 water water
#
loop_
_entity_poly.entity_id
_entity_poly.type
_entity_poly.pdbx_seq_one_letter_code
_entity_poly.pdbx_strand_id
1 'polypeptide(L)'
;QNVSLQPPPQQLIVQNKTIDLPAVYQLNGGEEANPHAVKVLKELLSGKQSSKKG(MSE)LISIGEKGDKSVRKYSRQIPD
HKEGYYLSVNEKEIVLAGNDERGTYYALQTFAQLLKDGKLPEVEIKDYPSVRYRGVVEGFYGTPWSHQARLSQLKFYGKN
K(MSE)NTYIYGPKDDPYHSAPNWRLPYPDKEAAQLQELVAVANENEVDFVWAIHPGQDIKWNKEDRDLLLAKFEK
(MSE)YQLGVRSFAVFFDDISGEGTNPQKQAELLNYIDEKFAQVKPDINQLV(MSE)CPTEYNKSWSNPNGNYLTTLGDK
LNPSIQI(MSE)WTGDRVISDITRDGISWINERIKRPAYIWWNFPVSDYVRDHLLLGPVYGNDTTIAKE(MSE)SGFVTN
P(MSE)EHAESSKIAIYSVASYAWNPAKYDTWQTWKDAIRTILPSAAEELECFA(MSE)HNSDLGPNGHGYRREES
(MSE)DIQPAAERFLKAFKEGKNYDKADFETLQYTFER(MSE)KESADILL(MSE)NTENKPLIVEITPWVHQFKLTAE
(MSE)GEEVLK(MSE)VEGRNESYFLRKYNHVKALQQQ(MSE)FYIDQTSNQNPYQPGVKTATRVIKPLIDRTFATVVKF
FNQKFNAHLDATTDY(MSE)PHK(MSE)ISNVEQIKNLPLQVKANRVLISPANEVVKWAAGNSVEIELDAIYPGENIQIN
FGKDAPCTWGRLEISTDAKEWKTVDLKQKESRLSAGLQKAPVKFVRFTNVSDEEQQVYLRQFVLTIEKK
;
A,B
2 'polypeptide(L)' (UNK)(UNK)(UNK)(UNK)(UNK)(UNK)(UNK)(UNK)(UNK)(UNK)(UNK)(UNK) C,D
#
# COMPACT_ATOMS: atom_id res chain seq x y z
N SER A 4 32.98 -20.06 -4.02
CA SER A 4 32.48 -21.22 -3.27
C SER A 4 31.71 -22.08 -4.28
N LEU A 5 32.38 -23.12 -4.83
CA LEU A 5 31.71 -24.10 -5.70
C LEU A 5 30.57 -24.73 -4.95
N GLN A 6 29.37 -24.73 -5.56
CA GLN A 6 28.20 -25.35 -4.92
C GLN A 6 27.46 -26.20 -5.92
N PRO A 7 27.18 -27.46 -5.56
CA PRO A 7 27.71 -28.18 -4.43
C PRO A 7 29.26 -28.27 -4.51
N PRO A 8 29.91 -28.41 -3.38
CA PRO A 8 31.35 -28.60 -3.33
C PRO A 8 31.76 -29.98 -3.87
N PRO A 9 32.78 -30.01 -4.73
CA PRO A 9 33.21 -31.33 -5.25
C PRO A 9 33.77 -32.31 -4.21
N GLN A 10 33.64 -33.57 -4.54
CA GLN A 10 34.16 -34.61 -3.69
C GLN A 10 35.68 -34.43 -3.61
N GLN A 11 36.30 -34.07 -4.73
CA GLN A 11 37.75 -33.86 -4.70
C GLN A 11 38.19 -32.72 -5.57
N LEU A 12 39.01 -31.85 -4.99
CA LEU A 12 39.41 -30.60 -5.57
C LEU A 12 40.90 -30.40 -5.26
N ILE A 13 41.73 -30.21 -6.29
CA ILE A 13 43.12 -29.78 -6.08
C ILE A 13 43.35 -28.49 -6.88
N VAL A 14 43.67 -27.41 -6.16
CA VAL A 14 43.86 -26.07 -6.74
C VAL A 14 45.35 -25.72 -6.87
N GLN A 15 45.72 -25.04 -7.96
CA GLN A 15 47.13 -24.81 -8.30
C GLN A 15 47.61 -23.38 -8.02
N ASN A 16 46.75 -22.53 -7.48
CA ASN A 16 47.12 -21.13 -7.22
C ASN A 16 47.77 -20.42 -8.43
N LYS A 17 47.32 -20.83 -9.62
CA LYS A 17 47.61 -20.14 -10.86
C LYS A 17 46.25 -19.85 -11.49
N THR A 18 46.20 -18.88 -12.41
CA THR A 18 45.06 -18.69 -13.27
C THR A 18 45.50 -18.69 -14.71
N ILE A 19 44.56 -18.95 -15.61
CA ILE A 19 44.77 -18.80 -17.04
C ILE A 19 43.61 -17.98 -17.54
N ASP A 20 43.63 -17.68 -18.84
CA ASP A 20 42.53 -16.97 -19.48
C ASP A 20 41.74 -17.98 -20.28
N LEU A 21 40.42 -17.79 -20.34
CA LEU A 21 39.57 -18.52 -21.27
C LEU A 21 40.18 -18.32 -22.67
N PRO A 22 40.52 -19.42 -23.38
CA PRO A 22 41.19 -19.23 -24.66
C PRO A 22 40.34 -18.48 -25.67
N ALA A 23 40.84 -17.30 -26.08
CA ALA A 23 40.26 -16.53 -27.20
C ALA A 23 40.26 -17.36 -28.48
N VAL A 24 41.28 -18.20 -28.62
CA VAL A 24 41.37 -19.17 -29.72
C VAL A 24 41.61 -20.55 -29.13
N TYR A 25 40.79 -21.50 -29.54
CA TYR A 25 40.77 -22.81 -28.90
C TYR A 25 40.41 -23.88 -29.90
N GLN A 26 40.80 -25.10 -29.58
CA GLN A 26 40.42 -26.23 -30.37
C GLN A 26 39.49 -27.10 -29.51
N LEU A 27 38.30 -27.39 -30.04
CA LEU A 27 37.28 -28.17 -29.35
C LEU A 27 37.28 -29.58 -29.90
N ASN A 28 37.57 -30.52 -29.01
CA ASN A 28 37.68 -31.93 -29.30
C ASN A 28 36.51 -32.61 -28.59
N GLY A 29 35.57 -33.17 -29.36
CA GLY A 29 34.49 -34.02 -28.84
C GLY A 29 33.08 -33.44 -28.88
N GLY A 30 32.95 -32.26 -29.49
CA GLY A 30 31.68 -31.54 -29.65
C GLY A 30 30.53 -32.32 -30.25
N GLU A 31 30.81 -33.09 -31.31
CA GLU A 31 29.75 -33.84 -32.00
C GLU A 31 29.32 -35.10 -31.28
N GLU A 32 30.11 -35.60 -30.31
CA GLU A 32 29.83 -36.88 -29.65
C GLU A 32 29.52 -36.77 -28.16
N ALA A 33 29.74 -35.61 -27.56
CA ALA A 33 29.38 -35.38 -26.16
C ALA A 33 27.88 -35.02 -26.00
N ASN A 34 27.39 -35.13 -24.76
CA ASN A 34 26.03 -34.67 -24.42
C ASN A 34 25.77 -33.30 -25.06
N PRO A 35 24.80 -33.25 -25.97
CA PRO A 35 24.42 -31.98 -26.60
C PRO A 35 24.01 -30.90 -25.57
N HIS A 36 23.45 -31.28 -24.43
CA HIS A 36 23.13 -30.27 -23.42
C HIS A 36 24.38 -29.64 -22.80
N ALA A 37 25.41 -30.45 -22.60
CA ALA A 37 26.69 -29.96 -22.09
C ALA A 37 27.40 -29.05 -23.12
N VAL A 38 27.36 -29.45 -24.40
CA VAL A 38 28.06 -28.69 -25.48
C VAL A 38 27.45 -27.30 -25.67
N LYS A 39 26.14 -27.21 -25.57
CA LYS A 39 25.48 -25.93 -25.66
C LYS A 39 25.91 -24.95 -24.54
N VAL A 40 25.95 -25.43 -23.30
CA VAL A 40 26.48 -24.62 -22.19
C VAL A 40 27.92 -24.16 -22.50
N LEU A 41 28.81 -25.08 -22.89
CA LEU A 41 30.20 -24.75 -23.20
C LEU A 41 30.30 -23.69 -24.31
N LYS A 42 29.54 -23.91 -25.37
CA LYS A 42 29.52 -22.95 -26.48
C LYS A 42 28.99 -21.55 -26.08
N GLU A 43 27.94 -21.49 -25.27
CA GLU A 43 27.51 -20.21 -24.67
C GLU A 43 28.69 -19.53 -23.96
N LEU A 44 29.46 -20.30 -23.22
CA LEU A 44 30.56 -19.76 -22.43
C LEU A 44 31.71 -19.16 -23.26
N LEU A 45 31.82 -19.51 -24.54
CA LEU A 45 32.93 -19.05 -25.39
C LEU A 45 32.52 -18.81 -26.85
N GLY A 54 44.38 -23.63 -31.52
CA GLY A 54 44.44 -23.02 -30.17
C GLY A 54 44.52 -24.02 -29.03
N LEU A 56 43.65 -26.67 -26.39
CA LEU A 56 42.75 -27.79 -26.57
C LEU A 56 41.74 -27.84 -25.43
N ILE A 57 40.48 -28.00 -25.81
CA ILE A 57 39.34 -28.23 -24.89
C ILE A 57 38.69 -29.56 -25.26
N SER A 58 38.79 -30.52 -24.34
CA SER A 58 38.27 -31.85 -24.60
C SER A 58 37.02 -32.12 -23.75
N ILE A 59 35.92 -32.42 -24.42
CA ILE A 59 34.61 -32.68 -23.81
C ILE A 59 34.08 -34.01 -24.27
N GLY A 60 33.55 -34.83 -23.36
CA GLY A 60 32.95 -36.11 -23.73
C GLY A 60 32.61 -36.99 -22.56
N GLU A 61 31.96 -38.13 -22.85
CA GLU A 61 31.69 -39.18 -21.86
C GLU A 61 32.69 -40.32 -22.03
N LYS A 62 32.96 -41.02 -20.94
CA LYS A 62 33.80 -42.20 -20.95
C LYS A 62 33.37 -43.10 -22.11
N GLY A 63 34.34 -43.49 -22.95
CA GLY A 63 34.09 -44.22 -24.20
C GLY A 63 34.25 -43.40 -25.48
N ASP A 64 34.08 -42.08 -25.38
CA ASP A 64 34.33 -41.17 -26.48
C ASP A 64 35.85 -41.05 -26.76
N LYS A 65 36.18 -40.91 -28.04
CA LYS A 65 37.56 -40.70 -28.52
C LYS A 65 38.19 -39.48 -27.89
N SER A 66 37.40 -38.42 -27.77
CA SER A 66 37.86 -37.17 -27.21
C SER A 66 38.47 -37.31 -25.81
N VAL A 67 38.03 -38.27 -25.02
CA VAL A 67 38.43 -38.30 -23.59
C VAL A 67 39.19 -39.57 -23.15
N ARG A 68 39.70 -40.31 -24.13
CA ARG A 68 40.42 -41.57 -23.94
C ARG A 68 41.64 -41.43 -23.02
N LYS A 69 42.38 -40.34 -23.18
CA LYS A 69 43.56 -40.06 -22.36
C LYS A 69 43.28 -39.94 -20.86
N TYR A 70 42.03 -39.58 -20.52
CA TYR A 70 41.63 -39.27 -19.15
C TYR A 70 40.72 -40.32 -18.54
N SER A 71 40.57 -41.44 -19.24
CA SER A 71 39.63 -42.46 -18.84
C SER A 71 39.85 -42.98 -17.41
N ARG A 72 41.08 -42.93 -16.92
CA ARG A 72 41.34 -43.44 -15.57
C ARG A 72 41.17 -42.33 -14.51
N GLN A 73 41.01 -41.09 -14.94
CA GLN A 73 40.68 -39.98 -14.03
C GLN A 73 39.16 -39.86 -13.75
N ILE A 74 38.34 -40.36 -14.68
CA ILE A 74 36.88 -40.23 -14.60
C ILE A 74 36.31 -41.12 -13.50
N PRO A 75 35.65 -40.54 -12.46
CA PRO A 75 35.09 -41.37 -11.39
C PRO A 75 34.10 -42.41 -11.89
N ASP A 76 34.14 -43.61 -11.31
CA ASP A 76 33.29 -44.67 -11.76
C ASP A 76 32.02 -44.64 -10.94
N HIS A 77 31.30 -43.53 -11.06
CA HIS A 77 30.03 -43.32 -10.35
C HIS A 77 29.07 -42.72 -11.35
N LYS A 78 27.80 -43.15 -11.28
CA LYS A 78 26.68 -42.45 -11.95
C LYS A 78 26.79 -40.95 -11.71
N GLU A 79 26.71 -40.17 -12.78
CA GLU A 79 26.74 -38.71 -12.72
C GLU A 79 28.10 -38.13 -12.30
N GLY A 80 29.12 -38.98 -12.30
CA GLY A 80 30.50 -38.57 -12.02
C GLY A 80 31.17 -37.86 -13.19
N TYR A 81 32.18 -37.04 -12.90
CA TYR A 81 32.95 -36.35 -13.97
C TYR A 81 34.39 -36.05 -13.52
N TYR A 82 35.26 -35.86 -14.50
CA TYR A 82 36.59 -35.36 -14.29
C TYR A 82 36.68 -34.01 -14.99
N LEU A 83 37.18 -33.01 -14.26
CA LEU A 83 37.38 -31.70 -14.80
C LEU A 83 38.82 -31.26 -14.53
N SER A 84 39.50 -30.81 -15.57
CA SER A 84 40.87 -30.31 -15.43
C SER A 84 41.03 -29.04 -16.21
N VAL A 85 41.69 -28.07 -15.59
CA VAL A 85 42.11 -26.84 -16.25
C VAL A 85 43.60 -26.63 -15.94
N ASN A 86 44.42 -26.50 -16.98
CA ASN A 86 45.83 -26.09 -16.80
C ASN A 86 46.31 -25.20 -17.94
N GLU A 87 47.61 -24.90 -17.94
CA GLU A 87 48.26 -24.06 -18.99
C GLU A 87 47.99 -24.55 -20.41
N LYS A 88 48.11 -25.87 -20.61
CA LYS A 88 48.06 -26.48 -21.94
C LYS A 88 46.65 -26.82 -22.41
N GLU A 89 45.78 -27.27 -21.50
CA GLU A 89 44.43 -27.69 -21.93
C GLU A 89 43.32 -27.69 -20.86
N ILE A 90 42.08 -27.82 -21.35
CA ILE A 90 40.87 -27.99 -20.51
C ILE A 90 40.18 -29.32 -20.80
N VAL A 91 39.87 -30.06 -19.75
CA VAL A 91 39.18 -31.33 -19.85
C VAL A 91 37.84 -31.29 -19.05
N LEU A 92 36.79 -31.80 -19.68
CA LEU A 92 35.41 -31.89 -19.14
C LEU A 92 34.86 -33.27 -19.51
N ALA A 93 35.03 -34.27 -18.63
CA ALA A 93 34.79 -35.67 -19.00
C ALA A 93 33.83 -36.35 -18.04
N GLY A 94 32.64 -36.73 -18.52
CA GLY A 94 31.68 -37.38 -17.66
C GLY A 94 31.84 -38.87 -17.69
N ASN A 95 31.49 -39.52 -16.59
CA ASN A 95 31.29 -40.95 -16.62
C ASN A 95 30.13 -41.36 -17.52
N ASP A 96 29.21 -40.44 -17.73
CA ASP A 96 27.95 -40.63 -18.49
C ASP A 96 27.46 -39.26 -18.93
N GLU A 97 26.41 -39.20 -19.73
CA GLU A 97 26.00 -37.92 -20.33
C GLU A 97 25.64 -36.87 -19.28
N ARG A 98 25.00 -37.31 -18.20
CA ARG A 98 24.62 -36.40 -17.13
C ARG A 98 25.84 -35.86 -16.39
N GLY A 99 26.84 -36.72 -16.16
CA GLY A 99 28.13 -36.30 -15.62
C GLY A 99 28.81 -35.21 -16.41
N THR A 100 28.76 -35.29 -17.73
CA THR A 100 29.37 -34.26 -18.58
C THR A 100 28.69 -32.88 -18.41
N TYR A 101 27.37 -32.87 -18.49
CA TYR A 101 26.55 -31.72 -18.11
C TYR A 101 26.97 -31.09 -16.78
N TYR A 102 27.11 -31.91 -15.77
CA TYR A 102 27.55 -31.47 -14.46
C TYR A 102 28.97 -30.93 -14.36
N ALA A 103 29.90 -31.51 -15.12
CA ALA A 103 31.24 -30.93 -15.28
C ALA A 103 31.12 -29.51 -15.76
N LEU A 104 30.21 -29.29 -16.71
CA LEU A 104 29.98 -27.95 -17.22
C LEU A 104 29.35 -26.99 -16.25
N GLN A 105 28.49 -27.50 -15.38
CA GLN A 105 27.93 -26.63 -14.37
C GLN A 105 28.99 -26.19 -13.37
N THR A 106 29.96 -27.05 -13.06
CA THR A 106 31.08 -26.66 -12.20
C THR A 106 31.99 -25.71 -12.99
N PHE A 107 32.24 -26.03 -14.23
CA PHE A 107 33.08 -25.17 -15.07
C PHE A 107 32.54 -23.73 -15.09
N ALA A 108 31.22 -23.59 -15.23
CA ALA A 108 30.62 -22.26 -15.33
C ALA A 108 30.82 -21.42 -14.07
N GLN A 109 30.90 -22.07 -12.92
CA GLN A 109 31.16 -21.41 -11.65
C GLN A 109 32.61 -20.98 -11.46
N LEU A 110 33.55 -21.66 -12.10
CA LEU A 110 34.99 -21.39 -11.98
C LEU A 110 35.38 -20.18 -12.82
N LEU A 111 34.75 -20.05 -13.97
CA LEU A 111 34.99 -18.94 -14.88
C LEU A 111 34.59 -17.59 -14.27
N LYS A 112 35.59 -16.79 -13.90
CA LYS A 112 35.37 -15.46 -13.29
C LYS A 112 36.16 -14.37 -14.04
N ASP A 113 35.43 -13.53 -14.77
CA ASP A 113 36.00 -12.36 -15.47
C ASP A 113 36.99 -12.77 -16.58
N GLY A 114 36.58 -13.75 -17.37
CA GLY A 114 37.40 -14.28 -18.47
C GLY A 114 38.55 -15.14 -17.99
N LYS A 115 38.54 -15.55 -16.73
CA LYS A 115 39.66 -16.25 -16.16
C LYS A 115 39.24 -17.50 -15.39
N LEU A 116 40.09 -18.53 -15.48
CA LEU A 116 39.85 -19.81 -14.88
C LEU A 116 41.00 -20.07 -13.98
N PRO A 117 40.74 -20.63 -12.78
CA PRO A 117 41.85 -21.11 -11.99
C PRO A 117 42.36 -22.42 -12.55
N GLU A 118 43.56 -22.80 -12.12
CA GLU A 118 44.15 -24.04 -12.51
C GLU A 118 43.73 -25.04 -11.45
N VAL A 119 42.96 -26.04 -11.88
CA VAL A 119 42.27 -26.96 -10.97
C VAL A 119 42.14 -28.34 -11.58
N GLU A 120 42.00 -29.31 -10.70
CA GLU A 120 41.64 -30.64 -11.11
C GLU A 120 40.58 -31.16 -10.17
N ILE A 121 39.45 -31.57 -10.73
CA ILE A 121 38.31 -32.02 -9.91
C ILE A 121 37.90 -33.41 -10.29
N LYS A 122 37.59 -34.24 -9.30
CA LYS A 122 36.99 -35.53 -9.47
C LYS A 122 35.74 -35.50 -8.59
N ASP A 123 34.57 -35.69 -9.19
CA ASP A 123 33.31 -35.37 -8.52
C ASP A 123 32.18 -36.32 -8.91
N TYR A 124 31.21 -36.42 -8.02
CA TYR A 124 30.09 -37.30 -8.21
C TYR A 124 29.18 -37.08 -6.96
N PRO A 125 27.90 -37.40 -7.09
CA PRO A 125 26.97 -37.22 -6.01
C PRO A 125 27.01 -38.37 -5.01
N SER A 126 26.85 -38.07 -3.73
CA SER A 126 26.72 -39.12 -2.69
C SER A 126 25.33 -39.71 -2.55
N VAL A 127 24.30 -39.00 -3.05
CA VAL A 127 22.92 -39.50 -3.03
C VAL A 127 22.42 -39.55 -4.49
N ARG A 128 21.76 -40.65 -4.85
CA ARG A 128 21.48 -40.94 -6.26
C ARG A 128 20.39 -40.01 -6.86
N TYR A 129 19.32 -39.82 -6.11
CA TYR A 129 18.23 -38.93 -6.46
C TYR A 129 18.18 -37.70 -5.54
N ARG A 130 18.26 -36.53 -6.18
CA ARG A 130 18.29 -35.26 -5.50
C ARG A 130 17.35 -34.27 -6.12
N GLY A 131 16.52 -33.60 -5.32
CA GLY A 131 15.72 -32.49 -5.87
C GLY A 131 14.53 -32.05 -5.08
N VAL A 132 13.40 -31.82 -5.77
CA VAL A 132 12.28 -31.12 -5.22
C VAL A 132 10.99 -31.90 -5.45
N VAL A 133 10.17 -32.07 -4.40
CA VAL A 133 8.81 -32.51 -4.58
C VAL A 133 7.86 -31.31 -4.40
N GLU A 134 7.20 -30.88 -5.46
CA GLU A 134 6.12 -29.90 -5.34
C GLU A 134 4.91 -30.66 -4.87
N GLY A 135 4.84 -30.88 -3.56
CA GLY A 135 3.85 -31.80 -2.94
C GLY A 135 3.05 -31.23 -1.78
N PHE A 136 3.06 -29.90 -1.70
CA PHE A 136 2.36 -29.10 -0.71
C PHE A 136 0.89 -28.82 -1.03
N TYR A 137 0.16 -28.50 0.03
CA TYR A 137 -1.18 -27.87 0.00
C TYR A 137 -1.09 -26.38 -0.22
N GLY A 138 -2.03 -25.82 -0.98
CA GLY A 138 -1.95 -24.36 -1.35
C GLY A 138 -1.91 -24.16 -2.82
N THR A 139 -1.76 -22.90 -3.22
CA THR A 139 -1.69 -22.51 -4.63
C THR A 139 -0.47 -23.14 -5.31
N PRO A 140 -0.72 -24.01 -6.32
CA PRO A 140 0.41 -24.67 -7.01
C PRO A 140 1.26 -23.63 -7.69
N TRP A 141 2.55 -23.89 -7.77
CA TRP A 141 3.42 -23.00 -8.50
C TRP A 141 2.88 -22.59 -9.89
N SER A 142 3.07 -21.35 -10.31
CA SER A 142 2.82 -20.94 -11.70
C SER A 142 3.73 -21.62 -12.73
N HIS A 143 3.27 -21.62 -13.99
CA HIS A 143 4.02 -22.21 -15.09
C HIS A 143 5.39 -21.55 -15.18
N GLN A 144 5.40 -20.24 -15.04
CA GLN A 144 6.64 -19.47 -15.19
C GLN A 144 7.63 -19.75 -14.08
N ALA A 145 7.09 -19.89 -12.87
CA ALA A 145 7.86 -20.31 -11.72
C ALA A 145 8.53 -21.66 -11.92
N ARG A 146 7.76 -22.65 -12.38
CA ARG A 146 8.25 -23.98 -12.67
C ARG A 146 9.36 -23.96 -13.72
N LEU A 147 9.25 -23.12 -14.76
CA LEU A 147 10.30 -23.04 -15.78
C LEU A 147 11.59 -22.54 -15.15
N SER A 148 11.48 -21.50 -14.34
CA SER A 148 12.59 -20.97 -13.58
C SER A 148 13.22 -22.00 -12.67
N GLN A 149 12.40 -22.73 -11.91
CA GLN A 149 12.89 -23.79 -11.03
C GLN A 149 13.74 -24.82 -11.79
N LEU A 150 13.27 -25.28 -12.94
CA LEU A 150 13.93 -26.35 -13.69
C LEU A 150 15.33 -25.97 -14.12
N LYS A 151 15.50 -24.72 -14.45
CA LYS A 151 16.80 -24.23 -14.82
C LYS A 151 17.71 -24.11 -13.59
N PHE A 152 17.13 -23.73 -12.47
CA PHE A 152 17.85 -23.63 -11.22
C PHE A 152 18.36 -25.00 -10.83
N TYR A 153 17.55 -26.05 -11.02
CA TYR A 153 17.90 -27.41 -10.63
C TYR A 153 19.10 -27.92 -11.43
N GLY A 154 19.10 -27.67 -12.74
CA GLY A 154 20.23 -28.05 -13.58
C GLY A 154 21.55 -27.43 -13.13
N LYS A 155 21.54 -26.15 -12.74
CA LYS A 155 22.74 -25.47 -12.27
C LYS A 155 23.24 -26.03 -10.97
N ASN A 156 22.35 -26.59 -10.16
CA ASN A 156 22.76 -27.04 -8.85
C ASN A 156 22.81 -28.60 -8.71
N LYS A 157 22.76 -29.27 -9.85
CA LYS A 157 22.96 -30.71 -10.02
C LYS A 157 21.83 -31.54 -9.39
N ASN A 159 18.66 -33.77 -9.89
CA ASN A 159 18.24 -34.58 -11.04
C ASN A 159 16.75 -34.98 -11.05
N THR A 160 16.01 -34.48 -10.05
CA THR A 160 14.64 -34.89 -9.79
C THR A 160 13.68 -33.76 -9.46
N TYR A 161 12.56 -33.75 -10.16
CA TYR A 161 11.44 -32.85 -9.88
C TYR A 161 10.22 -33.68 -9.90
N ILE A 162 9.60 -33.83 -8.72
CA ILE A 162 8.38 -34.53 -8.59
C ILE A 162 7.21 -33.56 -8.56
N TYR A 163 6.36 -33.68 -9.57
CA TYR A 163 5.15 -32.91 -9.68
C TYR A 163 3.99 -33.57 -8.93
N GLY A 164 3.54 -32.93 -7.86
CA GLY A 164 2.44 -33.46 -7.07
C GLY A 164 1.70 -32.49 -6.15
N PRO A 165 1.23 -31.35 -6.68
CA PRO A 165 0.52 -30.33 -5.85
C PRO A 165 -0.82 -30.83 -5.35
N LYS A 166 -0.98 -30.85 -4.04
CA LYS A 166 -2.21 -31.40 -3.49
C LYS A 166 -3.50 -30.79 -4.10
N ASP A 167 -3.43 -29.53 -4.48
CA ASP A 167 -4.58 -28.81 -4.97
C ASP A 167 -4.76 -28.78 -6.52
N ASP A 168 -3.94 -29.55 -7.24
CA ASP A 168 -4.18 -29.82 -8.68
C ASP A 168 -5.26 -30.89 -8.86
N PRO A 169 -6.42 -30.52 -9.44
CA PRO A 169 -7.50 -31.52 -9.43
C PRO A 169 -7.23 -32.71 -10.33
N TYR A 170 -6.34 -32.56 -11.31
CA TYR A 170 -5.94 -33.71 -12.15
C TYR A 170 -4.87 -34.61 -11.52
N HIS A 171 -4.35 -34.22 -10.34
CA HIS A 171 -3.37 -35.01 -9.60
C HIS A 171 -4.05 -35.83 -8.49
N SER A 172 -5.05 -35.22 -7.83
CA SER A 172 -5.72 -35.83 -6.65
C SER A 172 -7.20 -36.17 -6.96
N ALA A 173 -7.98 -36.48 -5.91
CA ALA A 173 -9.32 -37.05 -6.10
C ALA A 173 -10.36 -35.97 -6.32
N PRO A 174 -11.40 -36.22 -7.17
CA PRO A 174 -11.69 -37.41 -8.00
C PRO A 174 -11.12 -37.34 -9.43
N ASN A 175 -10.60 -36.15 -9.83
CA ASN A 175 -10.24 -35.95 -11.23
C ASN A 175 -8.86 -36.43 -11.61
N TRP A 176 -8.16 -37.11 -10.71
CA TRP A 176 -7.04 -37.94 -11.12
C TRP A 176 -7.41 -38.89 -12.28
N ARG A 177 -8.70 -39.28 -12.37
CA ARG A 177 -9.20 -40.12 -13.47
C ARG A 177 -9.25 -39.43 -14.86
N LEU A 178 -9.28 -38.10 -14.87
CA LEU A 178 -9.44 -37.33 -16.12
C LEU A 178 -8.09 -36.92 -16.71
N PRO A 179 -7.94 -36.96 -18.02
CA PRO A 179 -6.78 -36.32 -18.66
C PRO A 179 -6.77 -34.79 -18.48
N TYR A 180 -5.58 -34.19 -18.37
CA TYR A 180 -5.45 -32.74 -18.28
C TYR A 180 -6.13 -32.14 -19.51
N PRO A 181 -6.77 -31.01 -19.35
CA PRO A 181 -7.24 -30.33 -20.58
C PRO A 181 -6.07 -29.79 -21.45
N ASP A 182 -6.37 -29.39 -22.68
CA ASP A 182 -5.35 -29.12 -23.66
C ASP A 182 -4.30 -28.10 -23.24
N LYS A 183 -4.73 -27.03 -22.57
CA LYS A 183 -3.84 -25.93 -22.23
C LYS A 183 -2.85 -26.37 -21.14
N GLU A 184 -3.36 -27.07 -20.12
CA GLU A 184 -2.51 -27.60 -19.06
C GLU A 184 -1.59 -28.67 -19.60
N ALA A 185 -2.12 -29.49 -20.52
CA ALA A 185 -1.35 -30.54 -21.16
C ALA A 185 -0.17 -29.99 -21.99
N ALA A 186 -0.40 -28.93 -22.74
CA ALA A 186 0.68 -28.26 -23.50
C ALA A 186 1.75 -27.68 -22.53
N GLN A 187 1.30 -27.08 -21.44
CA GLN A 187 2.20 -26.58 -20.39
C GLN A 187 3.08 -27.69 -19.82
N LEU A 188 2.46 -28.81 -19.48
CA LEU A 188 3.19 -29.94 -18.91
C LEU A 188 4.22 -30.48 -19.90
N GLN A 189 3.82 -30.62 -21.16
CA GLN A 189 4.72 -31.00 -22.21
C GLN A 189 5.94 -30.04 -22.31
N GLU A 190 5.71 -28.74 -22.16
CA GLU A 190 6.80 -27.76 -22.18
C GLU A 190 7.70 -27.92 -20.97
N LEU A 191 7.11 -28.13 -19.79
CA LEU A 191 7.91 -28.45 -18.61
C LEU A 191 8.83 -29.67 -18.75
N VAL A 192 8.30 -30.78 -19.26
CA VAL A 192 9.08 -31.98 -19.53
C VAL A 192 10.24 -31.68 -20.52
N ALA A 193 9.98 -30.93 -21.58
CA ALA A 193 11.04 -30.55 -22.53
C ALA A 193 12.17 -29.76 -21.87
N VAL A 194 11.80 -28.72 -21.13
CA VAL A 194 12.73 -27.94 -20.35
C VAL A 194 13.44 -28.77 -19.27
N ALA A 195 12.73 -29.65 -18.55
CA ALA A 195 13.37 -30.52 -17.60
C ALA A 195 14.45 -31.35 -18.29
N ASN A 196 14.11 -31.98 -19.41
CA ASN A 196 15.03 -32.84 -20.14
C ASN A 196 16.29 -32.06 -20.55
N GLU A 197 16.13 -30.84 -21.02
CA GLU A 197 17.25 -29.93 -21.37
C GLU A 197 18.21 -29.56 -20.21
N ASN A 198 17.72 -29.60 -18.99
CA ASN A 198 18.50 -29.32 -17.80
C ASN A 198 18.86 -30.58 -17.01
N GLU A 199 18.73 -31.74 -17.65
CA GLU A 199 19.07 -33.04 -17.09
C GLU A 199 18.29 -33.40 -15.79
N VAL A 200 17.05 -32.95 -15.71
CA VAL A 200 16.11 -33.26 -14.60
C VAL A 200 15.05 -34.28 -15.03
N ASP A 201 14.90 -35.35 -14.25
CA ASP A 201 13.75 -36.25 -14.35
C ASP A 201 12.49 -35.57 -13.85
N PHE A 202 11.56 -35.33 -14.76
CA PHE A 202 10.23 -34.90 -14.41
C PHE A 202 9.47 -36.13 -13.99
N VAL A 203 9.07 -36.17 -12.73
CA VAL A 203 8.37 -37.30 -12.20
C VAL A 203 6.91 -36.86 -11.95
N TRP A 204 5.97 -37.39 -12.73
CA TRP A 204 4.60 -37.00 -12.52
C TRP A 204 3.97 -37.95 -11.48
N ALA A 205 3.41 -37.39 -10.42
CA ALA A 205 2.79 -38.16 -9.32
C ALA A 205 1.28 -38.13 -9.46
N ILE A 206 0.62 -39.17 -8.96
CA ILE A 206 -0.84 -39.25 -8.82
C ILE A 206 -1.19 -39.59 -7.37
N HIS A 207 -2.37 -39.13 -6.93
CA HIS A 207 -2.81 -39.18 -5.52
C HIS A 207 -4.26 -39.70 -5.53
N PRO A 208 -4.43 -41.01 -5.84
CA PRO A 208 -5.76 -41.56 -6.11
C PRO A 208 -6.47 -42.19 -4.86
N GLY A 209 -5.76 -42.21 -3.73
CA GLY A 209 -6.09 -43.11 -2.64
C GLY A 209 -7.36 -42.82 -1.86
N GLN A 210 -7.82 -41.58 -1.88
CA GLN A 210 -8.99 -41.22 -1.05
C GLN A 210 -10.29 -41.83 -1.61
N ASP A 211 -10.39 -42.02 -2.92
CA ASP A 211 -11.60 -42.56 -3.55
C ASP A 211 -11.33 -43.70 -4.55
N ILE A 212 -10.11 -44.23 -4.54
CA ILE A 212 -9.80 -45.40 -5.37
C ILE A 212 -10.65 -46.61 -4.95
N LYS A 213 -11.24 -47.27 -5.95
CA LYS A 213 -11.82 -48.57 -5.77
C LYS A 213 -10.79 -49.57 -6.24
N TRP A 214 -10.61 -50.64 -5.49
CA TRP A 214 -9.69 -51.70 -5.88
C TRP A 214 -10.35 -52.64 -6.92
N ASN A 215 -10.69 -52.06 -8.07
CA ASN A 215 -11.27 -52.82 -9.15
C ASN A 215 -10.58 -52.53 -10.49
N LYS A 216 -11.02 -53.24 -11.53
CA LYS A 216 -10.46 -53.11 -12.85
C LYS A 216 -10.69 -51.73 -13.45
N GLU A 217 -11.89 -51.19 -13.28
CA GLU A 217 -12.20 -49.89 -13.85
C GLU A 217 -11.20 -48.78 -13.40
N ASP A 218 -10.91 -48.72 -12.10
CA ASP A 218 -10.03 -47.68 -11.55
C ASP A 218 -8.58 -47.99 -11.85
N ARG A 219 -8.21 -49.26 -11.89
CA ARG A 219 -6.84 -49.64 -12.22
C ARG A 219 -6.55 -49.18 -13.67
N ASP A 220 -7.48 -49.48 -14.57
CA ASP A 220 -7.33 -49.10 -15.99
C ASP A 220 -7.33 -47.59 -16.15
N LEU A 221 -8.16 -46.88 -15.40
CA LEU A 221 -8.18 -45.43 -15.49
C LEU A 221 -6.80 -44.85 -15.08
N LEU A 222 -6.19 -45.44 -14.08
CA LEU A 222 -4.87 -44.98 -13.58
C LEU A 222 -3.80 -45.20 -14.67
N LEU A 223 -3.79 -46.42 -15.22
CA LEU A 223 -2.87 -46.76 -16.31
C LEU A 223 -3.12 -45.91 -17.52
N ALA A 224 -4.39 -45.65 -17.81
CA ALA A 224 -4.77 -44.76 -18.90
C ALA A 224 -4.23 -43.36 -18.71
N LYS A 225 -4.31 -42.84 -17.48
CA LYS A 225 -3.73 -41.53 -17.17
C LYS A 225 -2.20 -41.51 -17.32
N PHE A 226 -1.54 -42.54 -16.82
CA PHE A 226 -0.10 -42.63 -16.94
C PHE A 226 0.26 -42.66 -18.45
N GLU A 227 -0.51 -43.38 -19.29
CA GLU A 227 -0.28 -43.39 -20.76
C GLU A 227 -0.36 -42.00 -21.36
N LYS A 228 -1.38 -41.23 -20.97
CA LYS A 228 -1.51 -39.86 -21.43
C LYS A 228 -0.28 -39.03 -21.04
N TYR A 230 2.76 -40.14 -20.41
CA TYR A 230 3.81 -40.68 -21.28
C TYR A 230 3.82 -39.99 -22.67
N GLN A 231 2.63 -39.83 -23.25
CA GLN A 231 2.50 -39.14 -24.56
C GLN A 231 2.94 -37.69 -24.58
N LEU A 232 2.83 -37.04 -23.42
CA LEU A 232 3.35 -35.70 -23.23
C LEU A 232 4.87 -35.65 -22.96
N GLY A 233 5.49 -36.82 -22.86
CA GLY A 233 6.93 -36.94 -22.70
C GLY A 233 7.37 -37.35 -21.31
N VAL A 234 6.43 -37.56 -20.38
CA VAL A 234 6.83 -37.98 -19.06
C VAL A 234 7.44 -39.38 -19.06
N ARG A 235 8.58 -39.58 -18.38
CA ARG A 235 9.25 -40.88 -18.26
C ARG A 235 9.54 -41.38 -16.82
N SER A 236 9.16 -40.64 -15.79
CA SER A 236 9.16 -41.15 -14.38
C SER A 236 7.82 -40.81 -13.77
N PHE A 237 7.41 -41.67 -12.82
CA PHE A 237 6.05 -41.68 -12.30
C PHE A 237 6.06 -42.00 -10.80
N ALA A 238 5.08 -41.46 -10.10
CA ALA A 238 4.85 -41.77 -8.67
C ALA A 238 3.38 -41.95 -8.35
N VAL A 239 3.13 -42.70 -7.29
CA VAL A 239 1.78 -42.89 -6.72
C VAL A 239 1.88 -42.55 -5.27
N PHE A 240 1.08 -41.57 -4.84
CA PHE A 240 1.09 -41.11 -3.47
C PHE A 240 -0.15 -41.57 -2.71
N PHE A 241 0.05 -42.14 -1.53
CA PHE A 241 -1.05 -42.57 -0.63
C PHE A 241 -0.99 -41.87 0.74
N ASP A 242 -0.49 -40.64 0.72
CA ASP A 242 -0.38 -39.80 1.93
C ASP A 242 -1.63 -39.01 2.25
N ASP A 243 -1.92 -38.88 3.55
CA ASP A 243 -3.00 -38.04 4.04
C ASP A 243 -4.33 -38.45 3.46
N ILE A 244 -4.60 -39.75 3.50
CA ILE A 244 -5.90 -40.29 3.10
C ILE A 244 -6.46 -41.19 4.21
N SER A 245 -7.73 -41.51 4.06
CA SER A 245 -8.39 -42.49 4.92
C SER A 245 -9.24 -43.44 4.09
N GLY A 246 -9.55 -44.60 4.68
CA GLY A 246 -10.48 -45.53 4.07
C GLY A 246 -9.77 -46.70 3.45
N GLU A 247 -10.39 -47.25 2.39
CA GLU A 247 -9.89 -48.50 1.79
C GLU A 247 -8.63 -48.30 0.96
N GLY A 248 -8.38 -47.09 0.50
CA GLY A 248 -7.10 -46.76 -0.16
C GLY A 248 -5.83 -46.96 0.69
N THR A 249 -5.98 -47.15 2.00
CA THR A 249 -4.84 -47.34 2.91
C THR A 249 -4.37 -48.79 2.98
N ASN A 250 -5.02 -49.69 2.24
CA ASN A 250 -4.69 -51.12 2.21
C ASN A 250 -3.33 -51.37 1.56
N PRO A 251 -2.34 -51.80 2.36
CA PRO A 251 -0.98 -51.99 1.84
C PRO A 251 -0.80 -53.11 0.83
N GLN A 252 -1.62 -54.17 0.94
CA GLN A 252 -1.54 -55.29 0.01
C GLN A 252 -1.98 -54.81 -1.36
N LYS A 253 -3.05 -54.05 -1.38
CA LYS A 253 -3.61 -53.52 -2.60
C LYS A 253 -2.72 -52.44 -3.21
N GLN A 254 -2.14 -51.62 -2.34
CA GLN A 254 -1.16 -50.64 -2.76
C GLN A 254 0.04 -51.31 -3.43
N ALA A 255 0.64 -52.32 -2.78
CA ALA A 255 1.75 -53.06 -3.35
C ALA A 255 1.35 -53.74 -4.69
N GLU A 256 0.16 -54.32 -4.75
CA GLU A 256 -0.33 -54.96 -5.97
C GLU A 256 -0.49 -53.97 -7.11
N LEU A 257 -1.05 -52.79 -6.82
CA LEU A 257 -1.16 -51.73 -7.85
C LEU A 257 0.20 -51.27 -8.36
N LEU A 258 1.14 -50.98 -7.44
CA LEU A 258 2.48 -50.56 -7.86
C LEU A 258 3.23 -51.64 -8.66
N ASN A 259 3.12 -52.88 -8.20
CA ASN A 259 3.70 -54.00 -8.92
C ASN A 259 3.09 -54.15 -10.31
N TYR A 260 1.78 -53.92 -10.42
CA TYR A 260 1.11 -53.99 -11.73
C TYR A 260 1.61 -52.89 -12.65
N ILE A 261 1.67 -51.65 -12.16
CA ILE A 261 2.23 -50.51 -12.93
C ILE A 261 3.67 -50.82 -13.40
N ASP A 262 4.47 -51.36 -12.50
CA ASP A 262 5.83 -51.77 -12.80
C ASP A 262 5.85 -52.82 -13.92
N GLU A 263 5.03 -53.86 -13.79
CA GLU A 263 5.12 -55.04 -14.66
C GLU A 263 4.46 -54.81 -16.01
N LYS A 264 3.38 -54.04 -16.01
CA LYS A 264 2.63 -53.74 -17.22
C LYS A 264 2.96 -52.42 -17.93
N PHE A 265 3.80 -51.57 -17.32
CA PHE A 265 4.03 -50.22 -17.84
C PHE A 265 5.53 -49.87 -17.69
N ALA A 266 6.01 -49.69 -16.46
CA ALA A 266 7.43 -49.33 -16.25
C ALA A 266 8.42 -50.32 -16.91
N GLN A 267 8.13 -51.62 -16.84
CA GLN A 267 9.06 -52.60 -17.42
C GLN A 267 8.67 -52.97 -18.86
N VAL A 268 7.66 -52.33 -19.45
CA VAL A 268 7.20 -52.62 -20.80
C VAL A 268 7.59 -51.53 -21.81
N LYS A 269 7.65 -50.27 -21.35
CA LYS A 269 8.02 -49.16 -22.19
C LYS A 269 9.52 -49.21 -22.47
N PRO A 270 9.95 -48.59 -23.57
CA PRO A 270 11.38 -48.59 -23.89
C PRO A 270 12.29 -47.82 -22.95
N ASP A 271 11.75 -46.83 -22.23
CA ASP A 271 12.60 -45.78 -21.67
C ASP A 271 12.07 -45.14 -20.36
N ILE A 272 11.42 -45.92 -19.48
CA ILE A 272 10.97 -45.39 -18.19
C ILE A 272 12.09 -45.47 -17.15
N ASN A 273 12.21 -44.39 -16.37
CA ASN A 273 13.26 -44.23 -15.33
C ASN A 273 12.74 -44.50 -13.90
N GLN A 274 12.33 -43.49 -13.12
CA GLN A 274 11.89 -43.74 -11.73
C GLN A 274 10.43 -44.19 -11.64
N LEU A 275 10.17 -45.08 -10.68
CA LEU A 275 8.84 -45.41 -10.22
C LEU A 275 8.92 -45.37 -8.67
N VAL A 276 8.19 -44.43 -8.08
CA VAL A 276 8.24 -44.10 -6.67
C VAL A 276 6.86 -44.16 -6.03
N CYS A 278 4.66 -43.05 -2.21
CA CYS A 278 4.65 -42.45 -0.90
C CYS A 278 3.62 -43.23 -0.10
N PRO A 279 4.03 -43.83 1.01
CA PRO A 279 3.14 -44.64 1.82
C PRO A 279 2.13 -43.86 2.67
N THR A 280 1.09 -44.56 3.13
CA THR A 280 0.14 -43.96 4.04
C THR A 280 0.84 -43.71 5.39
N GLU A 281 1.60 -44.71 5.83
CA GLU A 281 2.48 -44.61 7.03
C GLU A 281 3.86 -44.08 6.58
N TYR A 282 4.00 -42.77 6.57
CA TYR A 282 5.11 -42.11 5.88
C TYR A 282 6.08 -41.46 6.86
N ASN A 283 5.81 -41.65 8.15
CA ASN A 283 6.74 -41.30 9.21
C ASN A 283 6.49 -42.17 10.44
N LYS A 284 7.49 -42.24 11.32
CA LYS A 284 7.42 -43.15 12.47
C LYS A 284 6.21 -42.92 13.33
N SER A 285 5.93 -41.68 13.69
CA SER A 285 4.77 -41.38 14.56
C SER A 285 3.42 -41.76 13.95
N TRP A 286 3.34 -41.86 12.63
CA TRP A 286 2.10 -42.22 11.92
C TRP A 286 2.09 -43.71 11.54
N SER A 287 3.09 -44.45 12.00
N SER A 287 3.11 -44.43 11.96
CA SER A 287 3.22 -45.87 11.69
CA SER A 287 3.18 -45.85 11.73
C SER A 287 3.01 -46.74 12.93
C SER A 287 2.68 -46.57 12.98
N ASN A 288 2.22 -47.80 12.76
CA ASN A 288 1.83 -48.67 13.84
C ASN A 288 2.93 -49.70 14.04
N PRO A 289 3.66 -49.59 15.15
CA PRO A 289 4.73 -50.56 15.34
C PRO A 289 4.22 -52.00 15.47
N ASN A 290 2.94 -52.16 15.82
CA ASN A 290 2.30 -53.47 15.98
C ASN A 290 1.35 -53.84 14.84
N GLY A 291 1.47 -53.12 13.73
CA GLY A 291 0.65 -53.33 12.54
C GLY A 291 1.51 -53.83 11.41
N ASN A 292 0.87 -54.31 10.37
CA ASN A 292 1.63 -55.00 9.31
C ASN A 292 1.94 -54.12 8.09
N TYR A 293 1.56 -52.84 8.17
CA TYR A 293 1.58 -51.94 7.00
C TYR A 293 2.97 -51.82 6.36
N LEU A 294 3.98 -51.44 7.12
CA LEU A 294 5.27 -51.16 6.51
C LEU A 294 5.98 -52.42 6.10
N THR A 295 5.83 -53.49 6.90
CA THR A 295 6.43 -54.77 6.52
C THR A 295 5.75 -55.38 5.28
N THR A 296 4.45 -55.20 5.15
CA THR A 296 3.76 -55.68 3.97
C THR A 296 4.39 -55.04 2.72
N LEU A 297 4.53 -53.72 2.73
CA LEU A 297 5.12 -52.99 1.59
C LEU A 297 6.56 -53.40 1.29
N GLY A 298 7.35 -53.54 2.34
CA GLY A 298 8.73 -53.93 2.24
C GLY A 298 8.96 -55.29 1.63
N ASP A 299 8.11 -56.25 2.02
CA ASP A 299 8.12 -57.63 1.51
C ASP A 299 7.53 -57.74 0.09
N LYS A 300 6.43 -57.05 -0.16
CA LYS A 300 5.65 -57.28 -1.36
C LYS A 300 5.99 -56.35 -2.52
N LEU A 301 6.44 -55.10 -2.25
CA LEU A 301 6.81 -54.19 -3.33
C LEU A 301 8.04 -54.62 -4.13
N ASN A 302 7.89 -54.68 -5.44
CA ASN A 302 9.04 -54.96 -6.31
C ASN A 302 10.25 -54.10 -5.90
N PRO A 303 11.43 -54.73 -5.90
CA PRO A 303 12.64 -54.10 -5.39
C PRO A 303 13.07 -52.85 -6.17
N SER A 304 12.57 -52.64 -7.39
CA SER A 304 12.93 -51.41 -8.13
C SER A 304 12.08 -50.19 -7.73
N ILE A 305 11.01 -50.40 -6.98
CA ILE A 305 10.10 -49.32 -6.62
C ILE A 305 10.69 -48.57 -5.38
N GLN A 306 10.77 -47.25 -5.47
CA GLN A 306 11.22 -46.41 -4.34
C GLN A 306 10.06 -46.17 -3.34
N ILE A 307 10.41 -46.07 -2.07
CA ILE A 307 9.44 -45.83 -1.01
C ILE A 307 9.86 -44.57 -0.25
N TRP A 309 9.65 -41.29 2.61
CA TRP A 309 9.64 -41.23 4.06
C TRP A 309 10.00 -39.84 4.53
N THR A 310 9.26 -39.35 5.54
CA THR A 310 9.45 -37.97 6.07
C THR A 310 10.21 -37.88 7.42
N GLY A 311 10.51 -39.05 8.00
CA GLY A 311 11.38 -39.15 9.16
C GLY A 311 10.57 -39.66 10.35
N ASP A 312 10.88 -39.20 11.56
CA ASP A 312 10.22 -39.73 12.78
C ASP A 312 8.87 -39.08 13.02
N ARG A 313 8.64 -37.94 12.38
CA ARG A 313 7.37 -37.24 12.41
C ARG A 313 7.07 -36.69 11.00
N VAL A 314 5.86 -36.16 10.82
CA VAL A 314 5.40 -35.52 9.58
C VAL A 314 6.49 -34.51 9.20
N ILE A 315 6.86 -33.64 10.15
CA ILE A 315 7.93 -32.66 9.91
C ILE A 315 9.11 -33.02 10.80
N SER A 316 10.24 -33.41 10.19
CA SER A 316 11.41 -33.80 10.95
C SER A 316 12.66 -33.85 10.12
N ASP A 317 13.78 -33.80 10.82
CA ASP A 317 15.08 -33.93 10.22
C ASP A 317 15.52 -35.40 10.32
N ILE A 318 16.44 -35.79 9.49
CA ILE A 318 16.73 -37.21 9.31
C ILE A 318 17.96 -37.61 10.14
N THR A 319 17.79 -38.64 10.99
CA THR A 319 18.85 -39.11 11.91
C THR A 319 19.28 -40.48 11.50
N ARG A 320 20.42 -40.91 12.01
CA ARG A 320 20.93 -42.27 11.73
C ARG A 320 19.97 -43.31 12.22
N ASP A 321 19.52 -43.15 13.46
CA ASP A 321 18.63 -44.13 14.04
C ASP A 321 17.26 -44.16 13.40
N GLY A 322 16.73 -43.00 13.01
CA GLY A 322 15.39 -42.96 12.43
C GLY A 322 15.38 -43.65 11.09
N ILE A 323 16.41 -43.41 10.30
CA ILE A 323 16.42 -44.01 8.99
C ILE A 323 16.67 -45.55 9.07
N SER A 324 17.50 -45.99 10.03
CA SER A 324 17.71 -47.43 10.30
C SER A 324 16.40 -48.11 10.60
N TRP A 325 15.60 -47.45 11.42
CA TRP A 325 14.29 -47.97 11.73
C TRP A 325 13.45 -48.25 10.47
N ILE A 326 13.33 -47.27 9.56
CA ILE A 326 12.46 -47.49 8.39
C ILE A 326 13.08 -48.49 7.41
N ASN A 327 14.37 -48.36 7.14
CA ASN A 327 15.06 -49.20 6.20
C ASN A 327 14.94 -50.70 6.54
N GLU A 328 14.94 -51.01 7.84
CA GLU A 328 14.79 -52.37 8.31
C GLU A 328 13.43 -52.95 7.95
N ARG A 329 12.41 -52.08 7.84
CA ARG A 329 11.08 -52.55 7.62
C ARG A 329 10.72 -52.59 6.16
N ILE A 330 11.24 -51.65 5.37
CA ILE A 330 10.86 -51.59 3.95
C ILE A 330 11.86 -52.35 3.08
N LYS A 331 12.97 -52.77 3.68
CA LYS A 331 13.97 -53.65 3.10
C LYS A 331 14.70 -53.03 1.92
N ARG A 332 14.85 -51.70 1.94
CA ARG A 332 15.56 -50.91 0.92
C ARG A 332 15.85 -49.52 1.53
N PRO A 333 16.79 -48.75 0.95
CA PRO A 333 17.08 -47.41 1.46
C PRO A 333 15.92 -46.47 1.16
N ALA A 334 15.51 -45.73 2.18
CA ALA A 334 14.37 -44.82 2.07
C ALA A 334 14.68 -43.67 1.09
N TYR A 335 13.66 -43.21 0.39
CA TYR A 335 13.76 -42.05 -0.50
C TYR A 335 13.18 -40.91 0.34
N ILE A 336 14.04 -40.02 0.80
CA ILE A 336 13.58 -38.99 1.77
C ILE A 336 12.76 -37.89 1.14
N TRP A 337 11.58 -37.64 1.72
CA TRP A 337 10.73 -36.45 1.47
C TRP A 337 10.94 -35.53 2.65
N TRP A 338 11.73 -34.46 2.48
CA TRP A 338 12.05 -33.56 3.61
C TRP A 338 11.15 -32.32 3.66
N ASN A 339 10.37 -32.20 4.75
CA ASN A 339 9.36 -31.15 4.91
C ASN A 339 9.89 -29.84 5.48
N PHE A 340 10.80 -29.23 4.70
CA PHE A 340 11.28 -27.89 4.91
C PHE A 340 11.79 -27.44 3.52
N PRO A 341 11.48 -26.20 3.09
CA PRO A 341 10.78 -25.07 3.78
C PRO A 341 9.23 -25.01 3.75
N VAL A 342 8.58 -26.08 3.33
CA VAL A 342 7.13 -26.08 3.17
C VAL A 342 6.50 -25.40 4.39
N SER A 343 5.57 -24.47 4.09
CA SER A 343 4.97 -23.56 5.09
CA SER A 343 4.96 -23.59 5.10
C SER A 343 3.46 -23.71 5.12
N ASP A 344 2.94 -24.79 4.55
CA ASP A 344 1.52 -24.87 4.21
C ASP A 344 0.64 -25.08 5.44
N TYR A 345 1.29 -25.21 6.58
CA TYR A 345 0.65 -25.35 7.89
C TYR A 345 1.03 -24.17 8.84
N VAL A 346 1.88 -23.26 8.38
CA VAL A 346 2.15 -21.99 9.07
C VAL A 346 2.19 -20.88 7.99
N ARG A 347 1.05 -20.71 7.32
CA ARG A 347 1.02 -19.95 6.06
C ARG A 347 1.29 -18.45 6.21
N ASP A 348 1.14 -17.95 7.42
CA ASP A 348 1.50 -16.55 7.76
C ASP A 348 3.01 -16.28 7.98
N HIS A 349 3.82 -17.33 7.88
CA HIS A 349 5.30 -17.23 8.00
C HIS A 349 6.02 -17.55 6.73
N LEU A 350 7.12 -16.88 6.50
CA LEU A 350 8.13 -17.25 5.50
C LEU A 350 9.28 -17.96 6.21
N LEU A 351 9.75 -19.08 5.67
CA LEU A 351 10.85 -19.85 6.29
C LEU A 351 12.09 -19.76 5.42
N LEU A 352 12.90 -18.74 5.70
CA LEU A 352 13.98 -18.31 4.82
C LEU A 352 15.31 -18.58 5.49
N GLY A 353 15.31 -19.31 6.62
CA GLY A 353 16.58 -19.70 7.19
C GLY A 353 17.37 -20.81 6.51
N PRO A 354 18.57 -21.06 7.04
CA PRO A 354 19.42 -22.13 6.56
C PRO A 354 18.85 -23.53 6.72
N VAL A 355 19.34 -24.43 5.91
CA VAL A 355 19.01 -25.84 5.93
C VAL A 355 19.98 -26.53 6.89
N TYR A 356 19.45 -27.17 7.95
CA TYR A 356 20.30 -27.88 8.89
C TYR A 356 19.46 -28.93 9.62
N GLY A 357 20.14 -29.81 10.37
CA GLY A 357 19.47 -30.77 11.29
C GLY A 357 19.57 -32.19 10.77
N ASN A 358 19.98 -32.35 9.50
CA ASN A 358 20.03 -33.67 8.85
C ASN A 358 21.41 -34.30 9.01
N ASP A 359 21.45 -35.56 9.44
CA ASP A 359 22.73 -36.25 9.62
C ASP A 359 23.50 -36.19 8.29
N THR A 360 24.75 -35.82 8.37
CA THR A 360 25.59 -35.68 7.19
C THR A 360 26.43 -36.95 6.89
N THR A 361 26.24 -38.04 7.65
CA THR A 361 27.00 -39.27 7.51
C THR A 361 26.19 -40.47 6.96
N ILE A 362 24.94 -40.26 6.57
CA ILE A 362 24.01 -41.34 6.24
C ILE A 362 23.64 -41.44 4.75
N ALA A 363 24.50 -40.91 3.86
CA ALA A 363 24.18 -40.94 2.43
C ALA A 363 23.86 -42.35 1.96
N LYS A 364 24.69 -43.31 2.39
CA LYS A 364 24.53 -44.72 1.97
C LYS A 364 23.18 -45.28 2.31
N GLU A 365 22.55 -44.75 3.36
CA GLU A 365 21.26 -45.25 3.85
C GLU A 365 20.03 -44.66 3.13
N SER A 367 18.07 -43.64 -0.74
CA SER A 367 18.11 -43.76 -2.21
C SER A 367 17.92 -42.41 -2.91
N GLY A 368 17.31 -41.48 -2.16
CA GLY A 368 17.04 -40.14 -2.57
C GLY A 368 16.74 -39.15 -1.45
N PHE A 369 16.82 -37.88 -1.80
CA PHE A 369 16.50 -36.81 -0.88
C PHE A 369 15.85 -35.66 -1.67
N VAL A 370 14.57 -35.42 -1.38
CA VAL A 370 13.87 -34.28 -1.98
C VAL A 370 13.28 -33.36 -0.93
N THR A 371 13.31 -32.07 -1.26
CA THR A 371 12.68 -31.03 -0.43
C THR A 371 11.24 -30.68 -0.89
N ASN A 372 10.30 -30.67 0.08
CA ASN A 372 8.95 -30.09 -0.08
C ASN A 372 9.05 -28.59 0.28
N PRO A 373 8.90 -27.70 -0.75
CA PRO A 373 9.09 -26.25 -0.62
C PRO A 373 7.84 -25.47 -0.28
N GLU A 375 4.80 -22.73 -1.18
CA GLU A 375 4.02 -22.25 -2.30
C GLU A 375 4.66 -21.00 -2.97
N HIS A 376 5.61 -20.34 -2.25
CA HIS A 376 6.42 -19.21 -2.71
C HIS A 376 7.66 -19.77 -3.38
N ALA A 377 7.57 -19.98 -4.70
CA ALA A 377 8.58 -20.63 -5.52
C ALA A 377 9.95 -20.00 -5.39
N GLU A 378 10.09 -18.72 -5.70
CA GLU A 378 11.43 -18.11 -5.67
C GLU A 378 12.02 -18.08 -4.27
N SER A 379 11.19 -17.77 -3.29
CA SER A 379 11.63 -17.70 -1.90
C SER A 379 12.26 -19.00 -1.42
N SER A 380 11.77 -20.11 -1.96
CA SER A 380 12.17 -21.48 -1.59
C SER A 380 13.54 -21.82 -2.15
N LYS A 381 14.04 -21.01 -3.09
CA LYS A 381 15.31 -21.27 -3.71
C LYS A 381 16.49 -21.20 -2.70
N ILE A 382 16.35 -20.47 -1.60
CA ILE A 382 17.37 -20.48 -0.56
C ILE A 382 17.58 -21.90 -0.01
N ALA A 383 16.48 -22.55 0.39
CA ALA A 383 16.54 -23.90 0.94
C ALA A 383 16.89 -24.93 -0.15
N ILE A 384 16.31 -24.75 -1.33
CA ILE A 384 16.54 -25.65 -2.44
C ILE A 384 18.03 -25.73 -2.85
N TYR A 385 18.66 -24.58 -3.08
CA TYR A 385 20.08 -24.53 -3.33
C TYR A 385 20.89 -25.24 -2.24
N SER A 386 20.43 -25.11 -0.98
CA SER A 386 21.13 -25.68 0.16
C SER A 386 20.94 -27.23 0.21
N VAL A 387 19.72 -27.69 -0.08
CA VAL A 387 19.46 -29.11 -0.21
C VAL A 387 20.21 -29.74 -1.36
N ALA A 388 20.39 -29.00 -2.47
CA ALA A 388 21.19 -29.49 -3.58
C ALA A 388 22.64 -29.77 -3.14
N SER A 389 23.20 -28.83 -2.41
CA SER A 389 24.56 -28.92 -1.87
C SER A 389 24.66 -30.09 -0.88
N TYR A 390 23.71 -30.17 0.04
CA TYR A 390 23.71 -31.20 1.01
C TYR A 390 23.65 -32.59 0.36
N ALA A 391 22.71 -32.83 -0.55
CA ALA A 391 22.48 -34.16 -1.07
C ALA A 391 23.60 -34.62 -1.98
N TRP A 392 24.26 -33.69 -2.70
CA TRP A 392 25.40 -34.02 -3.54
C TRP A 392 26.68 -34.36 -2.71
N ASN A 393 26.95 -33.52 -1.69
CA ASN A 393 28.13 -33.72 -0.82
C ASN A 393 27.80 -33.51 0.65
N PRO A 394 27.09 -34.45 1.25
CA PRO A 394 26.73 -34.27 2.64
C PRO A 394 27.92 -34.16 3.57
N ALA A 395 28.97 -34.96 3.32
CA ALA A 395 30.21 -34.94 4.16
C ALA A 395 30.78 -33.54 4.35
N LYS A 396 30.80 -32.77 3.27
CA LYS A 396 31.29 -31.39 3.27
C LYS A 396 30.19 -30.31 3.44
N TYR A 397 28.97 -30.68 3.83
CA TYR A 397 27.89 -29.70 3.88
C TYR A 397 28.10 -28.66 5.00
N ASP A 398 28.07 -27.41 4.59
CA ASP A 398 28.32 -26.24 5.46
C ASP A 398 27.04 -25.40 5.48
N THR A 399 26.29 -25.51 6.59
CA THR A 399 25.02 -24.84 6.74
C THR A 399 24.96 -23.34 6.36
N TRP A 400 25.81 -22.55 7.01
CA TRP A 400 25.75 -21.11 6.92
C TRP A 400 26.41 -20.58 5.66
N GLN A 401 27.53 -21.17 5.24
CA GLN A 401 28.19 -20.71 3.96
C GLN A 401 27.27 -20.93 2.77
N THR A 402 26.59 -22.08 2.77
CA THR A 402 25.66 -22.47 1.69
C THR A 402 24.47 -21.51 1.61
N TRP A 403 23.84 -21.24 2.76
CA TRP A 403 22.78 -20.19 2.90
C TRP A 403 23.20 -18.84 2.34
N LYS A 404 24.40 -18.41 2.72
CA LYS A 404 24.99 -17.17 2.19
C LYS A 404 25.25 -17.24 0.69
N ASP A 405 25.77 -18.37 0.21
CA ASP A 405 26.02 -18.56 -1.24
C ASP A 405 24.70 -18.57 -2.05
N ALA A 406 23.67 -19.17 -1.47
CA ALA A 406 22.33 -19.21 -2.07
C ALA A 406 21.75 -17.82 -2.26
N ILE A 407 21.80 -17.03 -1.19
CA ILE A 407 21.31 -15.65 -1.19
C ILE A 407 22.02 -14.77 -2.23
N ARG A 408 23.33 -14.90 -2.31
CA ARG A 408 24.14 -14.13 -3.25
C ARG A 408 23.97 -14.58 -4.68
N THR A 409 23.64 -15.85 -4.86
CA THR A 409 23.22 -16.37 -6.16
C THR A 409 21.85 -15.86 -6.61
N ILE A 410 20.93 -15.85 -5.67
CA ILE A 410 19.54 -15.50 -5.91
CA ILE A 410 19.55 -15.52 -5.96
C ILE A 410 19.34 -14.00 -6.09
N LEU A 411 20.11 -13.20 -5.35
CA LEU A 411 19.93 -11.75 -5.39
C LEU A 411 21.26 -11.04 -5.24
N PRO A 412 22.15 -11.17 -6.24
CA PRO A 412 23.50 -10.59 -6.12
C PRO A 412 23.46 -9.10 -5.78
N SER A 413 22.51 -8.38 -6.36
CA SER A 413 22.38 -6.92 -6.22
C SER A 413 22.00 -6.44 -4.81
N ALA A 414 21.43 -7.30 -3.98
CA ALA A 414 21.02 -6.92 -2.65
C ALA A 414 21.16 -8.08 -1.66
N ALA A 415 22.30 -8.78 -1.75
CA ALA A 415 22.55 -10.01 -0.97
C ALA A 415 22.54 -9.72 0.54
N GLU A 416 23.19 -8.64 0.96
CA GLU A 416 23.26 -8.29 2.38
C GLU A 416 21.89 -7.94 2.90
N GLU A 417 21.09 -7.23 2.09
CA GLU A 417 19.73 -6.88 2.48
C GLU A 417 18.84 -8.13 2.58
N LEU A 418 19.02 -9.08 1.66
CA LEU A 418 18.20 -10.30 1.75
C LEU A 418 18.66 -11.12 2.94
N GLU A 419 19.97 -11.19 3.21
CA GLU A 419 20.44 -11.85 4.44
C GLU A 419 19.81 -11.31 5.69
N CYS A 420 19.71 -9.98 5.79
CA CYS A 420 19.07 -9.36 6.98
C CYS A 420 17.59 -9.80 7.11
N PHE A 421 16.84 -9.70 6.03
CA PHE A 421 15.44 -10.11 6.06
C PHE A 421 15.33 -11.62 6.35
N ALA A 422 16.09 -12.46 5.65
CA ALA A 422 15.99 -13.93 5.87
C ALA A 422 16.33 -14.36 7.29
N HIS A 424 15.92 -12.93 10.07
CA HIS A 424 14.81 -12.68 11.00
C HIS A 424 13.46 -13.19 10.50
N ASN A 425 13.48 -14.16 9.59
CA ASN A 425 12.26 -14.77 9.01
C ASN A 425 12.55 -16.21 8.73
N SER A 426 12.72 -16.98 9.81
CA SER A 426 13.27 -18.33 9.79
CA SER A 426 13.17 -18.35 9.71
C SER A 426 12.42 -19.31 10.60
N ASP A 427 11.82 -18.83 11.67
CA ASP A 427 11.06 -19.73 12.58
C ASP A 427 9.61 -19.87 12.13
N LEU A 428 8.92 -20.92 12.58
CA LEU A 428 7.55 -21.21 12.17
C LEU A 428 6.51 -20.75 13.22
N GLY A 429 6.99 -20.40 14.40
CA GLY A 429 6.12 -20.10 15.52
C GLY A 429 5.56 -21.41 16.03
N PRO A 430 4.82 -21.38 17.16
CA PRO A 430 4.23 -22.63 17.61
C PRO A 430 3.24 -23.23 16.59
N ASN A 431 3.21 -24.55 16.51
CA ASN A 431 2.38 -25.22 15.52
C ASN A 431 2.09 -26.66 15.92
N GLY A 432 1.04 -27.23 15.35
CA GLY A 432 0.64 -28.60 15.63
C GLY A 432 1.67 -29.67 15.24
N HIS A 433 2.64 -29.35 14.38
CA HIS A 433 3.66 -30.33 14.06
C HIS A 433 4.87 -30.31 15.00
N GLY A 434 4.96 -29.32 15.88
CA GLY A 434 6.00 -29.25 16.86
C GLY A 434 7.35 -28.88 16.28
N TYR A 435 7.37 -28.31 15.08
CA TYR A 435 8.66 -28.09 14.40
C TYR A 435 9.01 -26.64 14.45
N ARG A 436 10.24 -26.38 14.85
CA ARG A 436 10.73 -25.01 15.04
C ARG A 436 12.09 -24.88 14.42
N ARG A 437 12.45 -23.65 14.04
CA ARG A 437 13.81 -23.33 13.63
C ARG A 437 14.36 -22.14 14.41
N GLU A 438 15.68 -22.07 14.51
CA GLU A 438 16.35 -20.89 15.05
C GLU A 438 16.08 -19.62 14.24
N GLU A 439 16.07 -18.48 14.93
CA GLU A 439 15.87 -17.18 14.30
C GLU A 439 16.54 -16.11 15.14
N SER A 440 17.18 -15.14 14.49
CA SER A 440 17.69 -13.93 15.17
C SER A 440 18.74 -14.24 16.26
N ASP A 442 21.96 -14.21 16.46
CA ASP A 442 22.96 -13.17 16.59
C ASP A 442 22.66 -12.14 17.72
N ILE A 443 21.44 -11.61 17.75
CA ILE A 443 21.09 -10.55 18.70
C ILE A 443 20.34 -11.12 19.90
N GLN A 444 20.13 -12.43 19.93
CA GLN A 444 19.26 -13.02 20.97
C GLN A 444 19.78 -12.79 22.39
N PRO A 445 21.09 -12.97 22.59
CA PRO A 445 21.65 -12.70 23.94
C PRO A 445 21.57 -11.22 24.40
N ALA A 446 21.95 -10.26 23.53
CA ALA A 446 21.73 -8.82 23.78
C ALA A 446 20.27 -8.48 24.11
N ALA A 447 19.33 -9.03 23.35
CA ALA A 447 17.92 -8.87 23.64
C ALA A 447 17.63 -9.38 25.03
N GLU A 448 18.10 -10.58 25.34
CA GLU A 448 17.69 -11.29 26.57
C GLU A 448 18.25 -10.64 27.85
N ARG A 449 19.44 -10.05 27.70
CA ARG A 449 20.04 -9.31 28.77
C ARG A 449 19.33 -7.99 28.98
N PHE A 450 19.17 -7.24 27.90
CA PHE A 450 18.54 -5.95 27.94
C PHE A 450 17.20 -6.08 28.64
N LEU A 451 16.40 -7.06 28.26
CA LEU A 451 15.07 -7.16 28.81
C LEU A 451 15.06 -7.60 30.29
N LYS A 452 15.93 -8.54 30.65
CA LYS A 452 16.10 -8.98 32.04
C LYS A 452 16.46 -7.80 32.96
N ALA A 453 17.53 -7.09 32.61
CA ALA A 453 17.95 -5.87 33.30
C ALA A 453 16.79 -4.89 33.41
N PHE A 454 16.27 -4.48 32.26
CA PHE A 454 15.25 -3.45 32.19
C PHE A 454 14.02 -3.82 33.04
N LYS A 455 13.53 -5.05 32.92
CA LYS A 455 12.35 -5.49 33.67
C LYS A 455 12.55 -5.42 35.19
N GLU A 456 13.78 -5.66 35.63
CA GLU A 456 14.06 -5.72 37.07
C GLU A 456 14.61 -4.41 37.66
N GLY A 457 14.73 -3.37 36.86
CA GLY A 457 15.22 -2.08 37.35
C GLY A 457 16.72 -2.02 37.61
N LYS A 458 17.46 -3.01 37.11
CA LYS A 458 18.94 -2.96 37.04
C LYS A 458 19.34 -2.20 35.76
N ASN A 459 20.47 -1.50 35.79
CA ASN A 459 20.95 -0.80 34.58
C ASN A 459 21.37 -1.76 33.46
N TYR A 460 20.97 -1.46 32.22
CA TYR A 460 21.31 -2.26 31.03
C TYR A 460 22.62 -1.75 30.40
N ASP A 461 23.36 -2.61 29.69
CA ASP A 461 24.60 -2.19 29.00
C ASP A 461 24.26 -1.33 27.80
N LYS A 462 25.04 -0.27 27.65
CA LYS A 462 24.93 0.63 26.52
C LYS A 462 25.10 -0.12 25.18
N ALA A 463 26.09 -1.00 25.12
CA ALA A 463 26.38 -1.78 23.90
C ALA A 463 25.19 -2.61 23.42
N ASP A 464 24.44 -3.19 24.36
CA ASP A 464 23.22 -3.95 24.03
C ASP A 464 22.12 -3.05 23.43
N PHE A 465 21.90 -1.89 24.02
CA PHE A 465 20.95 -0.90 23.47
C PHE A 465 21.33 -0.44 22.04
N GLU A 466 22.62 -0.23 21.84
CA GLU A 466 23.19 0.19 20.56
C GLU A 466 23.03 -0.89 19.48
N THR A 467 23.08 -2.14 19.94
CA THR A 467 23.01 -3.30 19.05
C THR A 467 21.59 -3.45 18.50
N LEU A 468 20.64 -3.32 19.41
CA LEU A 468 19.23 -3.29 19.06
C LEU A 468 18.91 -2.12 18.15
N GLN A 469 19.47 -0.96 18.47
CA GLN A 469 19.31 0.23 17.64
C GLN A 469 19.82 0.00 16.22
N TYR A 470 21.03 -0.54 16.10
CA TYR A 470 21.65 -0.82 14.80
C TYR A 470 20.81 -1.79 13.97
N THR A 471 20.25 -2.78 14.67
CA THR A 471 19.43 -3.82 14.07
C THR A 471 18.17 -3.26 13.45
N PHE A 472 17.44 -2.42 14.20
CA PHE A 472 16.24 -1.80 13.68
C PHE A 472 16.54 -0.91 12.48
N GLU A 473 17.64 -0.17 12.54
CA GLU A 473 18.05 0.66 11.39
C GLU A 473 18.35 -0.14 10.15
N ARG A 474 19.07 -1.24 10.32
CA ARG A 474 19.49 -2.06 9.18
C ARG A 474 18.29 -2.79 8.55
N LYS A 476 15.25 -1.56 8.39
CA LYS A 476 14.52 -0.55 7.59
C LYS A 476 15.20 -0.35 6.26
N GLU A 477 16.51 -0.24 6.29
CA GLU A 477 17.27 -0.12 5.06
C GLU A 477 17.01 -1.28 4.14
N SER A 478 17.12 -2.48 4.70
CA SER A 478 16.95 -3.73 3.97
C SER A 478 15.58 -3.84 3.33
N ALA A 479 14.55 -3.49 4.09
CA ALA A 479 13.17 -3.48 3.62
C ALA A 479 12.94 -2.52 2.43
N ASP A 480 13.40 -1.30 2.57
CA ASP A 480 13.18 -0.34 1.47
C ASP A 480 13.92 -0.74 0.24
N ILE A 481 15.14 -1.23 0.40
CA ILE A 481 15.97 -1.64 -0.73
C ILE A 481 15.35 -2.88 -1.40
N LEU A 482 14.93 -3.87 -0.61
CA LEU A 482 14.29 -5.06 -1.21
C LEU A 482 13.00 -4.73 -1.99
N LEU A 483 12.24 -3.76 -1.51
CA LEU A 483 10.98 -3.36 -2.19
C LEU A 483 11.20 -2.89 -3.62
N ASN A 485 13.92 -3.51 -5.56
CA ASN A 485 14.79 -4.37 -6.33
C ASN A 485 14.06 -4.93 -7.52
N THR A 486 14.71 -4.82 -8.66
CA THR A 486 14.17 -5.27 -9.94
C THR A 486 15.01 -6.37 -10.56
N GLU A 487 16.00 -6.88 -9.87
CA GLU A 487 16.80 -7.99 -10.35
C GLU A 487 16.02 -9.32 -10.36
N ASN A 488 15.22 -9.59 -9.31
CA ASN A 488 14.35 -10.74 -9.24
C ASN A 488 12.96 -10.28 -8.79
N LYS A 489 12.18 -9.84 -9.77
CA LYS A 489 10.87 -9.31 -9.53
C LYS A 489 9.97 -10.36 -8.92
N PRO A 490 9.97 -11.58 -9.44
CA PRO A 490 9.04 -12.57 -8.82
C PRO A 490 9.30 -12.86 -7.35
N LEU A 491 10.56 -12.88 -6.93
CA LEU A 491 10.87 -13.03 -5.50
C LEU A 491 10.26 -11.87 -4.72
N ILE A 492 10.44 -10.66 -5.22
CA ILE A 492 9.98 -9.49 -4.47
C ILE A 492 8.46 -9.43 -4.35
N VAL A 493 7.75 -9.83 -5.39
CA VAL A 493 6.31 -9.93 -5.33
C VAL A 493 5.89 -10.91 -4.23
N GLU A 494 6.55 -12.08 -4.20
CA GLU A 494 6.26 -13.08 -3.16
C GLU A 494 6.40 -12.54 -1.71
N ILE A 495 7.50 -11.85 -1.44
CA ILE A 495 7.85 -11.43 -0.06
C ILE A 495 7.30 -10.09 0.35
N THR A 496 6.80 -9.30 -0.61
CA THR A 496 6.46 -7.91 -0.35
C THR A 496 5.63 -7.65 0.88
N PRO A 497 4.58 -8.43 1.07
CA PRO A 497 3.79 -8.21 2.28
C PRO A 497 4.56 -8.35 3.60
N TRP A 498 5.39 -9.39 3.68
CA TRP A 498 6.27 -9.58 4.81
C TRP A 498 7.30 -8.50 4.93
N VAL A 499 7.76 -7.95 3.80
CA VAL A 499 8.72 -6.89 3.90
C VAL A 499 8.13 -5.63 4.54
N HIS A 500 6.89 -5.29 4.16
CA HIS A 500 6.13 -4.16 4.75
C HIS A 500 5.98 -4.35 6.25
N GLN A 501 5.67 -5.56 6.63
CA GLN A 501 5.49 -5.90 8.06
C GLN A 501 6.80 -5.81 8.86
N PHE A 502 7.91 -6.17 8.18
CA PHE A 502 9.27 -6.15 8.71
C PHE A 502 9.74 -4.72 8.95
N LYS A 503 9.47 -3.83 8.00
CA LYS A 503 9.75 -2.39 8.16
C LYS A 503 8.96 -1.80 9.34
N LEU A 504 7.68 -2.12 9.44
CA LEU A 504 6.87 -1.63 10.53
C LEU A 504 7.42 -2.11 11.90
N THR A 505 7.80 -3.37 11.97
CA THR A 505 8.40 -3.96 13.17
C THR A 505 9.63 -3.15 13.55
N ALA A 506 10.51 -2.89 12.58
CA ALA A 506 11.70 -2.12 12.85
C ALA A 506 11.41 -0.66 13.31
N GLU A 507 10.41 -0.01 12.71
CA GLU A 507 10.02 1.35 13.09
C GLU A 507 9.48 1.35 14.50
N GLY A 509 10.23 -0.88 16.99
CA GLY A 509 11.44 -1.05 17.80
C GLY A 509 12.23 0.23 18.01
N GLU A 510 12.43 1.01 16.95
CA GLU A 510 13.08 2.30 17.06
C GLU A 510 12.35 3.25 18.00
N GLU A 511 11.04 3.33 17.88
CA GLU A 511 10.27 4.25 18.71
C GLU A 511 10.21 3.76 20.13
N VAL A 512 10.15 2.45 20.33
CA VAL A 512 10.06 1.88 21.69
C VAL A 512 11.35 2.16 22.48
N LEU A 513 12.49 2.14 21.80
CA LEU A 513 13.80 2.45 22.41
C LEU A 513 14.02 3.94 22.75
N LYS A 514 13.48 4.82 21.92
CA LYS A 514 13.37 6.24 22.27
C LYS A 514 12.52 6.45 23.53
N VAL A 516 12.42 4.29 26.00
CA VAL A 516 13.34 3.85 27.08
C VAL A 516 14.32 4.97 27.46
N GLU A 517 14.87 5.65 26.46
CA GLU A 517 15.67 6.86 26.68
C GLU A 517 14.86 8.07 27.22
N GLY A 518 13.53 7.97 27.18
CA GLY A 518 12.58 8.88 27.85
C GLY A 518 13.05 10.23 28.39
N ARG A 519 13.07 11.23 27.50
CA ARG A 519 13.56 12.56 27.86
C ARG A 519 12.60 13.28 28.79
N ASN A 520 11.42 13.60 28.31
CA ASN A 520 10.40 14.24 29.12
C ASN A 520 9.05 13.59 28.88
N GLU A 521 8.06 13.98 29.68
CA GLU A 521 6.71 13.42 29.56
C GLU A 521 6.15 13.60 28.14
N SER A 522 6.32 14.80 27.60
CA SER A 522 5.74 15.15 26.32
C SER A 522 6.28 14.28 25.17
N TYR A 523 7.61 14.13 25.12
CA TYR A 523 8.30 13.32 24.11
C TYR A 523 7.86 11.87 24.19
N PHE A 524 7.83 11.34 25.40
CA PHE A 524 7.36 10.00 25.64
C PHE A 524 5.95 9.79 25.08
N LEU A 525 5.10 10.81 25.18
CA LEU A 525 3.73 10.66 24.76
C LEU A 525 3.61 10.67 23.24
N ARG A 526 4.47 11.44 22.61
CA ARG A 526 4.58 11.45 21.17
C ARG A 526 5.03 10.08 20.66
N LYS A 527 6.02 9.49 21.33
CA LYS A 527 6.55 8.20 20.95
C LYS A 527 5.52 7.11 21.16
N TYR A 528 4.82 7.16 22.28
CA TYR A 528 3.76 6.22 22.60
C TYR A 528 2.59 6.23 21.60
N ASN A 529 2.19 7.42 21.17
CA ASN A 529 1.14 7.55 20.18
C ASN A 529 1.59 7.07 18.79
N HIS A 530 2.84 7.35 18.42
CA HIS A 530 3.46 6.82 17.20
C HIS A 530 3.44 5.29 17.18
N VAL A 531 3.72 4.66 18.33
CA VAL A 531 3.74 3.20 18.46
C VAL A 531 2.37 2.58 18.31
N LYS A 532 1.35 3.19 18.92
CA LYS A 532 -0.02 2.72 18.78
C LYS A 532 -0.47 2.77 17.30
N ALA A 533 -0.07 3.83 16.59
CA ALA A 533 -0.36 3.96 15.15
C ALA A 533 0.32 2.86 14.32
N LEU A 534 1.57 2.56 14.65
CA LEU A 534 2.35 1.48 14.03
C LEU A 534 1.71 0.10 14.30
N GLN A 535 1.22 -0.11 15.50
CA GLN A 535 0.49 -1.34 15.82
C GLN A 535 -0.74 -1.49 14.95
N GLN A 536 -1.45 -0.36 14.75
CA GLN A 536 -2.65 -0.37 13.96
C GLN A 536 -2.30 -0.65 12.50
N GLN A 537 -1.21 -0.07 12.01
CA GLN A 537 -0.77 -0.35 10.63
C GLN A 537 -0.41 -1.83 10.40
N PHE A 539 -1.69 -4.38 12.09
CA PHE A 539 -2.98 -5.08 12.10
C PHE A 539 -3.70 -5.05 10.74
N TYR A 540 -3.76 -3.89 10.10
CA TYR A 540 -4.24 -3.76 8.70
C TYR A 540 -3.48 -4.63 7.65
N ILE A 541 -2.15 -4.70 7.70
CA ILE A 541 -1.45 -5.66 6.85
C ILE A 541 -1.89 -7.08 7.19
N ASP A 542 -2.02 -7.40 8.48
CA ASP A 542 -2.34 -8.75 8.92
C ASP A 542 -3.76 -9.17 8.47
N GLN A 543 -4.60 -8.18 8.19
CA GLN A 543 -5.98 -8.41 7.78
C GLN A 543 -6.19 -8.25 6.32
N THR A 544 -5.26 -7.63 5.62
CA THR A 544 -5.45 -7.34 4.19
C THR A 544 -4.55 -8.18 3.28
N SER A 545 -3.39 -8.60 3.79
CA SER A 545 -2.49 -9.45 3.06
C SER A 545 -2.62 -10.93 3.42
N ASN A 546 -2.38 -11.76 2.41
CA ASN A 546 -2.28 -13.21 2.54
C ASN A 546 -3.45 -13.79 3.32
N GLN A 547 -4.65 -13.46 2.88
CA GLN A 547 -5.84 -13.91 3.57
C GLN A 547 -6.25 -15.27 3.05
N ASN A 548 -5.52 -16.30 3.48
CA ASN A 548 -5.83 -17.68 3.11
C ASN A 548 -6.78 -18.24 4.17
N PRO A 549 -7.42 -19.38 3.87
CA PRO A 549 -8.37 -19.98 4.80
C PRO A 549 -7.80 -20.59 6.08
N TYR A 550 -6.47 -20.74 6.17
CA TYR A 550 -5.88 -21.54 7.24
C TYR A 550 -5.08 -20.76 8.29
N GLN A 551 -4.06 -20.03 7.86
CA GLN A 551 -3.33 -19.13 8.76
C GLN A 551 -3.21 -17.82 8.02
N PRO A 552 -4.29 -17.03 8.01
CA PRO A 552 -4.28 -15.76 7.29
C PRO A 552 -3.28 -14.74 7.87
N GLY A 553 -2.82 -13.85 7.01
CA GLY A 553 -1.98 -12.77 7.45
C GLY A 553 -0.47 -12.90 7.30
N VAL A 554 0.20 -12.02 8.01
CA VAL A 554 1.61 -11.81 7.84
C VAL A 554 2.29 -11.61 9.17
N LYS A 555 3.06 -12.62 9.55
CA LYS A 555 3.94 -12.57 10.72
C LYS A 555 5.42 -12.54 10.32
N THR A 556 6.19 -11.79 11.08
CA THR A 556 7.60 -11.61 10.82
C THR A 556 8.40 -11.36 12.08
N ALA A 557 9.66 -11.75 12.03
CA ALA A 557 10.59 -11.50 13.17
C ALA A 557 9.95 -11.94 14.49
N THR A 558 9.32 -13.10 14.49
CA THR A 558 8.44 -13.49 15.60
C THR A 558 9.10 -14.13 16.84
N ARG A 559 10.26 -14.74 16.67
CA ARG A 559 10.85 -15.53 17.75
C ARG A 559 11.52 -14.68 18.84
N VAL A 560 12.27 -13.68 18.42
CA VAL A 560 13.10 -12.85 19.27
C VAL A 560 12.73 -11.33 19.19
N ILE A 561 12.63 -10.76 17.99
CA ILE A 561 12.45 -9.30 17.84
C ILE A 561 11.06 -8.80 18.30
N LYS A 562 9.99 -9.40 17.83
CA LYS A 562 8.68 -8.94 18.18
C LYS A 562 8.41 -9.09 19.70
N PRO A 563 8.74 -10.26 20.28
CA PRO A 563 8.58 -10.41 21.75
C PRO A 563 9.35 -9.37 22.57
N LEU A 564 10.57 -9.05 22.16
CA LEU A 564 11.39 -8.06 22.82
C LEU A 564 10.76 -6.65 22.78
N ILE A 565 10.35 -6.22 21.59
CA ILE A 565 9.71 -4.94 21.37
C ILE A 565 8.43 -4.85 22.18
N ASP A 566 7.61 -5.89 22.12
CA ASP A 566 6.38 -5.95 22.88
C ASP A 566 6.58 -5.84 24.39
N ARG A 567 7.45 -6.68 24.94
CA ARG A 567 7.67 -6.70 26.40
C ARG A 567 8.34 -5.41 26.89
N THR A 568 9.27 -4.87 26.09
CA THR A 568 9.90 -3.59 26.39
C THR A 568 8.85 -2.48 26.41
N PHE A 569 8.00 -2.43 25.39
CA PHE A 569 6.93 -1.45 25.35
C PHE A 569 6.05 -1.53 26.62
N ALA A 570 5.65 -2.73 27.00
CA ALA A 570 4.71 -2.91 28.10
C ALA A 570 5.36 -2.50 29.44
N THR A 571 6.68 -2.68 29.50
CA THR A 571 7.45 -2.40 30.69
C THR A 571 7.62 -0.92 30.88
N VAL A 572 8.04 -0.24 29.82
CA VAL A 572 8.25 1.20 29.87
C VAL A 572 6.93 2.00 30.10
N VAL A 573 5.80 1.44 29.67
CA VAL A 573 4.50 2.04 29.90
C VAL A 573 4.08 1.87 31.37
N LYS A 574 4.37 0.71 31.93
CA LYS A 574 4.14 0.45 33.34
C LYS A 574 4.94 1.45 34.19
N PHE A 575 6.23 1.62 33.92
CA PHE A 575 7.03 2.58 34.68
C PHE A 575 6.55 4.02 34.52
N PHE A 576 6.09 4.37 33.32
CA PHE A 576 5.55 5.71 33.07
C PHE A 576 4.30 5.91 33.91
N ASN A 577 3.42 4.92 33.91
CA ASN A 577 2.22 4.97 34.69
C ASN A 577 2.49 5.10 36.22
N GLN A 578 3.58 4.51 36.70
CA GLN A 578 3.94 4.60 38.12
C GLN A 578 4.48 6.00 38.40
N LYS A 579 5.42 6.43 37.59
CA LYS A 579 6.08 7.72 37.80
C LYS A 579 5.13 8.91 37.66
N PHE A 580 4.26 8.87 36.68
CA PHE A 580 3.36 10.01 36.44
C PHE A 580 1.92 9.70 36.88
N ASN A 581 1.77 8.65 37.69
CA ASN A 581 0.47 8.22 38.17
C ASN A 581 -0.57 8.20 37.02
N ALA A 582 -0.22 7.52 35.93
CA ALA A 582 -1.01 7.57 34.71
C ALA A 582 -1.69 6.25 34.41
N HIS A 583 -2.43 6.21 33.30
CA HIS A 583 -3.27 5.07 32.94
C HIS A 583 -3.15 4.68 31.46
N LEU A 584 -1.95 4.81 30.91
CA LEU A 584 -1.73 4.43 29.52
C LEU A 584 -1.97 2.94 29.35
N ASP A 585 -2.56 2.58 28.21
CA ASP A 585 -2.78 1.19 27.84
C ASP A 585 -1.46 0.55 27.36
N ALA A 586 -1.09 -0.54 28.00
CA ALA A 586 0.17 -1.24 27.70
C ALA A 586 0.03 -2.40 26.67
N THR A 587 -1.16 -2.56 26.07
CA THR A 587 -1.40 -3.68 25.15
C THR A 587 -0.57 -3.54 23.88
N THR A 588 -0.15 -4.68 23.36
CA THR A 588 0.92 -4.74 22.38
C THR A 588 0.46 -5.03 20.93
N ASP A 589 -0.62 -5.78 20.78
CA ASP A 589 -1.24 -5.93 19.48
C ASP A 589 -2.51 -5.11 19.43
N TYR A 590 -2.68 -4.39 18.32
CA TYR A 590 -3.86 -3.61 18.11
C TYR A 590 -5.06 -4.51 17.91
N PRO A 592 -9.36 -3.72 17.37
CA PRO A 592 -10.47 -2.76 17.35
C PRO A 592 -11.69 -3.20 18.19
N HIS A 593 -11.81 -4.50 18.46
CA HIS A 593 -12.93 -5.01 19.24
C HIS A 593 -12.47 -5.15 20.69
N LYS A 594 -13.40 -4.94 21.63
CA LYS A 594 -13.11 -5.02 23.06
C LYS A 594 -13.72 -6.28 23.64
N ASN A 604 -9.05 -11.29 30.54
CA ASN A 604 -7.62 -11.05 30.31
C ASN A 604 -6.97 -11.78 29.12
N LEU A 605 -7.69 -12.70 28.46
CA LEU A 605 -7.21 -13.24 27.18
C LEU A 605 -7.32 -12.19 26.05
N PRO A 606 -6.48 -12.32 25.01
CA PRO A 606 -6.54 -11.41 23.87
C PRO A 606 -7.50 -11.90 22.79
N LEU A 607 -8.37 -11.02 22.31
CA LEU A 607 -9.18 -11.31 21.14
C LEU A 607 -8.26 -11.45 19.93
N GLN A 608 -8.72 -12.17 18.92
CA GLN A 608 -8.07 -12.24 17.63
C GLN A 608 -9.11 -11.99 16.55
N VAL A 609 -8.63 -11.56 15.39
CA VAL A 609 -9.48 -11.39 14.21
C VAL A 609 -8.84 -12.26 13.15
N LYS A 610 -9.59 -13.21 12.62
CA LYS A 610 -9.14 -14.02 11.48
C LYS A 610 -10.23 -14.07 10.44
N ALA A 611 -9.97 -13.48 9.29
CA ALA A 611 -11.00 -13.25 8.27
C ALA A 611 -12.24 -12.56 8.88
N ASN A 612 -13.41 -13.20 8.72
CA ASN A 612 -14.69 -12.69 9.25
C ASN A 612 -15.05 -13.33 10.59
N ARG A 613 -14.03 -13.79 11.30
CA ARG A 613 -14.21 -14.35 12.63
C ARG A 613 -13.57 -13.46 13.67
N VAL A 614 -14.22 -13.36 14.82
CA VAL A 614 -13.62 -12.76 15.99
C VAL A 614 -13.71 -13.72 17.15
N LEU A 615 -12.56 -13.87 17.78
CA LEU A 615 -12.16 -15.09 18.41
C LEU A 615 -11.54 -14.77 19.77
N ILE A 616 -11.76 -15.60 20.79
CA ILE A 616 -10.98 -15.48 22.03
C ILE A 616 -9.84 -16.47 21.92
N SER A 617 -8.61 -15.98 22.10
CA SER A 617 -7.45 -16.88 22.18
C SER A 617 -7.76 -17.91 23.28
N PRO A 618 -7.79 -19.21 22.91
CA PRO A 618 -8.03 -20.31 23.87
C PRO A 618 -7.27 -20.17 25.21
N VAL A 631 -16.69 -13.28 28.81
CA VAL A 631 -18.05 -12.97 29.23
C VAL A 631 -18.72 -12.06 28.20
N GLU A 632 -18.21 -10.84 28.02
CA GLU A 632 -18.74 -9.92 27.00
C GLU A 632 -17.69 -9.47 25.96
N ILE A 633 -18.15 -9.43 24.70
CA ILE A 633 -17.38 -8.91 23.55
C ILE A 633 -18.17 -7.74 22.98
N GLU A 634 -17.46 -6.65 22.67
CA GLU A 634 -18.06 -5.51 21.98
C GLU A 634 -17.27 -5.22 20.69
N LEU A 635 -17.94 -5.43 19.56
CA LEU A 635 -17.38 -5.12 18.25
C LEU A 635 -17.38 -3.61 18.02
N ASP A 636 -16.49 -3.15 17.12
CA ASP A 636 -16.35 -1.72 16.80
C ASP A 636 -17.49 -1.11 15.94
N ALA A 637 -18.44 -1.95 15.52
CA ALA A 637 -19.62 -1.50 14.79
C ALA A 637 -20.70 -2.59 14.84
N ILE A 638 -21.87 -2.31 14.27
CA ILE A 638 -22.95 -3.31 14.17
C ILE A 638 -22.69 -4.10 12.90
N TYR A 639 -22.66 -5.43 13.02
CA TYR A 639 -22.49 -6.31 11.86
C TYR A 639 -23.62 -7.29 11.79
N PRO A 640 -23.94 -7.79 10.59
CA PRO A 640 -24.79 -8.98 10.53
C PRO A 640 -24.07 -10.18 11.13
N GLY A 641 -24.67 -10.79 12.13
CA GLY A 641 -24.13 -12.00 12.75
C GLY A 641 -24.40 -13.22 11.89
N GLU A 642 -23.39 -14.09 11.78
CA GLU A 642 -23.45 -15.29 10.97
C GLU A 642 -23.75 -16.46 11.90
N ASN A 643 -22.87 -16.64 12.89
CA ASN A 643 -23.01 -17.70 13.89
C ASN A 643 -22.00 -17.55 15.02
N ILE A 644 -22.18 -18.35 16.07
CA ILE A 644 -21.26 -18.40 17.22
C ILE A 644 -20.91 -19.85 17.53
N GLN A 645 -19.61 -20.12 17.64
CA GLN A 645 -19.12 -21.44 18.02
C GLN A 645 -18.33 -21.35 19.33
N ILE A 646 -18.92 -21.90 20.38
CA ILE A 646 -18.29 -22.00 21.68
C ILE A 646 -17.89 -23.48 21.89
N ASN A 647 -16.98 -23.73 22.81
CA ASN A 647 -16.53 -25.11 23.09
C ASN A 647 -15.82 -25.23 24.45
N PHE A 648 -16.47 -25.94 25.37
CA PHE A 648 -15.96 -26.16 26.72
C PHE A 648 -15.58 -27.62 26.84
N ARG A 679 -19.18 -29.08 21.10
CA ARG A 679 -19.39 -28.35 19.85
C ARG A 679 -20.68 -27.51 19.84
N LEU A 680 -20.69 -26.45 20.66
CA LEU A 680 -21.83 -25.53 20.72
C LEU A 680 -21.87 -24.66 19.48
N SER A 681 -23.08 -24.32 19.04
CA SER A 681 -23.27 -23.60 17.78
C SER A 681 -24.68 -23.00 17.68
N ALA A 682 -24.76 -21.81 17.10
CA ALA A 682 -26.05 -21.14 16.90
C ALA A 682 -25.92 -20.13 15.76
N GLY A 683 -26.64 -20.37 14.66
CA GLY A 683 -26.75 -19.39 13.57
C GLY A 683 -27.50 -18.16 14.05
N LEU A 684 -27.12 -17.00 13.55
CA LEU A 684 -27.72 -15.75 13.97
C LEU A 684 -28.61 -15.16 12.89
N GLN A 685 -28.78 -15.91 11.79
CA GLN A 685 -29.62 -15.51 10.63
C GLN A 685 -29.48 -14.02 10.26
N LYS A 686 -28.22 -13.58 10.13
CA LYS A 686 -27.87 -12.20 9.72
C LYS A 686 -28.33 -11.13 10.72
N ALA A 687 -28.63 -11.53 11.96
CA ALA A 687 -29.19 -10.61 12.95
C ALA A 687 -28.16 -9.54 13.32
N PRO A 688 -28.52 -8.24 13.23
CA PRO A 688 -27.51 -7.27 13.61
C PRO A 688 -26.93 -7.56 15.01
N VAL A 689 -25.63 -7.35 15.16
CA VAL A 689 -24.93 -7.63 16.42
C VAL A 689 -23.69 -6.75 16.61
N LYS A 690 -23.61 -6.11 17.76
CA LYS A 690 -22.44 -5.37 18.19
C LYS A 690 -21.89 -5.97 19.48
N PHE A 691 -22.77 -6.33 20.42
CA PHE A 691 -22.37 -6.93 21.70
C PHE A 691 -22.73 -8.42 21.72
N VAL A 692 -21.95 -9.19 22.48
CA VAL A 692 -22.14 -10.65 22.60
C VAL A 692 -21.73 -11.12 23.99
N ARG A 693 -22.72 -11.39 24.85
CA ARG A 693 -22.50 -11.73 26.26
C ARG A 693 -22.75 -13.22 26.52
N PHE A 694 -22.11 -13.75 27.56
CA PHE A 694 -22.30 -15.16 27.93
C PHE A 694 -22.15 -15.41 29.43
N GLN A 708 -12.61 -23.38 22.24
CA GLN A 708 -12.94 -22.28 21.35
C GLN A 708 -14.11 -21.39 21.79
N PHE A 709 -14.09 -20.13 21.32
CA PHE A 709 -15.17 -19.16 21.50
C PHE A 709 -15.07 -18.18 20.31
N VAL A 710 -15.83 -18.46 19.27
CA VAL A 710 -15.69 -17.77 17.99
C VAL A 710 -17.03 -17.21 17.46
N LEU A 711 -17.12 -15.89 17.37
CA LEU A 711 -18.20 -15.23 16.64
C LEU A 711 -17.80 -15.08 15.15
N THR A 712 -18.69 -15.46 14.24
CA THR A 712 -18.51 -15.17 12.80
C THR A 712 -19.53 -14.10 12.34
N ILE A 713 -19.06 -13.17 11.51
CA ILE A 713 -19.87 -12.04 11.05
C ILE A 713 -19.79 -11.91 9.53
N GLU A 714 -20.73 -11.16 8.97
CA GLU A 714 -20.70 -10.83 7.58
C GLU A 714 -19.82 -9.58 7.43
N LYS A 715 -18.75 -9.76 6.68
CA LYS A 715 -17.74 -8.72 6.41
C LYS A 715 -17.31 -8.66 4.92
N LYS A 716 -16.91 -9.76 4.25
CA LYS A 716 -16.90 -11.16 4.77
C LYS A 716 -15.65 -11.94 4.27
N LEU B 5 -14.94 31.23 20.25
CA LEU B 5 -16.12 31.30 19.31
C LEU B 5 -15.73 31.60 17.87
N GLN B 6 -16.26 30.80 16.94
CA GLN B 6 -15.99 30.97 15.51
C GLN B 6 -17.32 30.84 14.77
N PRO B 7 -17.66 31.83 13.96
CA PRO B 7 -17.04 33.12 13.81
C PRO B 7 -17.07 33.94 15.14
N PRO B 8 -16.06 34.82 15.35
CA PRO B 8 -16.06 35.66 16.56
C PRO B 8 -17.26 36.67 16.54
N PRO B 9 -18.06 36.71 17.63
CA PRO B 9 -19.19 37.66 17.55
C PRO B 9 -18.82 39.16 17.50
N GLN B 10 -19.75 39.95 17.05
CA GLN B 10 -19.56 41.38 16.89
C GLN B 10 -19.29 42.01 18.27
N GLN B 11 -20.10 41.65 19.26
CA GLN B 11 -19.89 42.15 20.61
C GLN B 11 -20.06 41.01 21.58
N LEU B 12 -19.11 40.89 22.51
CA LEU B 12 -19.12 39.85 23.51
C LEU B 12 -18.78 40.44 24.89
N ILE B 13 -19.63 40.23 25.91
CA ILE B 13 -19.27 40.60 27.29
C ILE B 13 -19.34 39.38 28.19
N VAL B 14 -18.22 38.99 28.77
CA VAL B 14 -18.15 37.77 29.60
C VAL B 14 -17.92 38.12 31.07
N GLN B 15 -18.49 37.32 31.97
CA GLN B 15 -18.57 37.67 33.41
C GLN B 15 -17.66 36.88 34.34
N ASN B 16 -16.70 36.13 33.81
CA ASN B 16 -15.84 35.28 34.65
C ASN B 16 -16.65 34.63 35.78
N LYS B 17 -17.58 33.80 35.37
CA LYS B 17 -18.60 33.26 36.24
C LYS B 17 -19.26 32.18 35.42
N THR B 18 -19.35 30.98 35.95
CA THR B 18 -19.94 29.88 35.20
C THR B 18 -21.22 29.42 35.88
N ILE B 19 -22.17 28.93 35.09
CA ILE B 19 -23.34 28.27 35.62
C ILE B 19 -23.38 26.85 35.08
N ASP B 20 -24.32 26.05 35.57
CA ASP B 20 -24.55 24.70 35.05
C ASP B 20 -25.77 24.72 34.15
N LEU B 21 -25.69 23.95 33.07
CA LEU B 21 -26.86 23.71 32.21
C LEU B 21 -27.96 23.16 33.14
N PRO B 22 -29.12 23.84 33.22
CA PRO B 22 -30.11 23.46 34.23
C PRO B 22 -30.63 22.04 34.14
N ALA B 23 -30.42 21.26 35.20
CA ALA B 23 -31.04 19.93 35.31
C ALA B 23 -32.56 20.04 35.13
N VAL B 24 -33.14 21.08 35.71
CA VAL B 24 -34.56 21.34 35.52
C VAL B 24 -34.74 22.75 34.99
N TYR B 25 -35.55 22.87 33.94
CA TYR B 25 -35.68 24.12 33.22
C TYR B 25 -37.09 24.32 32.70
N GLN B 26 -37.43 25.58 32.54
CA GLN B 26 -38.67 25.98 31.94
C GLN B 26 -38.39 26.59 30.56
N LEU B 27 -39.00 26.05 29.51
CA LEU B 27 -38.74 26.51 28.16
C LEU B 27 -39.87 27.38 27.63
N ASN B 28 -39.53 28.62 27.29
CA ASN B 28 -40.49 29.61 26.85
C ASN B 28 -40.23 29.99 25.36
N GLY B 29 -41.22 29.75 24.52
CA GLY B 29 -41.21 30.05 23.09
C GLY B 29 -40.89 28.91 22.13
N GLY B 30 -40.80 27.69 22.63
CA GLY B 30 -40.45 26.52 21.80
C GLY B 30 -41.39 26.25 20.63
N GLU B 31 -42.67 26.57 20.79
CA GLU B 31 -43.67 26.22 19.78
C GLU B 31 -43.75 27.30 18.74
N GLU B 32 -43.14 28.45 19.01
CA GLU B 32 -43.23 29.63 18.15
C GLU B 32 -41.88 30.09 17.53
N ALA B 33 -40.77 29.57 18.02
CA ALA B 33 -39.44 29.90 17.50
C ALA B 33 -39.12 29.10 16.21
N ASN B 34 -38.06 29.48 15.50
CA ASN B 34 -37.50 28.62 14.44
C ASN B 34 -37.36 27.16 14.95
N PRO B 35 -38.10 26.22 14.35
CA PRO B 35 -38.04 24.79 14.74
C PRO B 35 -36.64 24.18 14.64
N HIS B 36 -35.91 24.61 13.62
CA HIS B 36 -34.50 24.21 13.46
C HIS B 36 -33.65 24.61 14.65
N ALA B 37 -33.85 25.84 15.12
CA ALA B 37 -33.16 26.31 16.32
C ALA B 37 -33.65 25.53 17.57
N VAL B 38 -34.95 25.28 17.63
CA VAL B 38 -35.51 24.54 18.76
C VAL B 38 -34.98 23.10 18.80
N LYS B 39 -34.90 22.46 17.64
CA LYS B 39 -34.33 21.12 17.54
C LYS B 39 -32.94 21.08 18.16
N VAL B 40 -32.08 22.00 17.77
CA VAL B 40 -30.72 22.07 18.29
C VAL B 40 -30.77 22.21 19.80
N LEU B 41 -31.61 23.13 20.28
CA LEU B 41 -31.72 23.42 21.70
C LEU B 41 -32.07 22.14 22.47
N LYS B 42 -33.13 21.47 22.03
CA LYS B 42 -33.63 20.27 22.71
C LYS B 42 -32.59 19.15 22.82
N GLU B 43 -31.85 18.90 21.74
CA GLU B 43 -30.70 17.98 21.76
C GLU B 43 -29.68 18.39 22.83
N LEU B 44 -29.37 19.68 22.94
CA LEU B 44 -28.36 20.14 23.90
C LEU B 44 -28.75 19.94 25.37
N LEU B 45 -30.04 19.77 25.65
CA LEU B 45 -30.53 19.63 27.03
C LEU B 45 -31.67 18.59 27.19
N GLY B 54 -38.36 25.54 37.43
CA GLY B 54 -36.95 25.49 37.05
C GLY B 54 -36.49 26.70 36.24
N LEU B 56 -35.46 29.46 33.61
CA LEU B 56 -36.16 29.88 32.40
C LEU B 56 -35.20 29.98 31.20
N ILE B 57 -35.59 29.33 30.11
CA ILE B 57 -34.93 29.48 28.82
C ILE B 57 -35.93 30.05 27.84
N SER B 58 -35.64 31.24 27.35
CA SER B 58 -36.51 31.92 26.42
C SER B 58 -35.87 31.89 25.01
N ILE B 59 -36.59 31.30 24.07
CA ILE B 59 -36.15 31.22 22.69
C ILE B 59 -37.17 31.84 21.77
N GLY B 60 -36.72 32.59 20.78
CA GLY B 60 -37.65 33.12 19.82
C GLY B 60 -37.06 34.17 18.91
N GLU B 61 -37.88 34.61 17.96
CA GLU B 61 -37.57 35.77 17.13
C GLU B 61 -38.15 37.05 17.80
N LYS B 62 -37.67 38.21 17.36
CA LYS B 62 -37.93 39.49 18.07
C LYS B 62 -39.42 39.82 18.36
N GLY B 63 -40.29 39.45 17.43
CA GLY B 63 -41.71 39.79 17.57
C GLY B 63 -42.48 38.80 18.40
N ASP B 64 -41.88 37.67 18.73
CA ASP B 64 -42.46 36.65 19.57
C ASP B 64 -42.64 37.06 21.06
N LYS B 65 -43.77 36.63 21.64
CA LYS B 65 -44.07 36.77 23.09
C LYS B 65 -42.89 36.40 23.98
N SER B 66 -42.27 35.27 23.64
CA SER B 66 -41.19 34.70 24.42
C SER B 66 -40.05 35.65 24.73
N VAL B 67 -39.71 36.50 23.75
CA VAL B 67 -38.50 37.32 23.82
C VAL B 67 -38.76 38.81 23.49
N ARG B 68 -40.01 39.18 23.28
CA ARG B 68 -40.39 40.56 22.93
C ARG B 68 -39.81 41.63 23.89
N LYS B 69 -39.70 41.29 25.18
CA LYS B 69 -39.15 42.22 26.16
C LYS B 69 -37.67 42.52 25.98
N TYR B 70 -36.96 41.67 25.23
CA TYR B 70 -35.52 41.87 24.96
C TYR B 70 -35.24 42.63 23.63
N SER B 71 -36.28 43.24 23.07
N SER B 71 -36.26 43.27 23.06
CA SER B 71 -36.22 43.97 21.79
CA SER B 71 -36.15 43.88 21.73
C SER B 71 -35.07 44.94 21.67
C SER B 71 -35.11 45.01 21.64
N ARG B 72 -34.83 45.68 22.76
CA ARG B 72 -33.78 46.69 22.79
C ARG B 72 -32.38 46.07 22.73
N GLN B 73 -32.27 44.78 23.10
CA GLN B 73 -31.01 44.05 23.02
C GLN B 73 -30.73 43.33 21.67
N ILE B 74 -31.74 43.14 20.82
CA ILE B 74 -31.61 42.37 19.60
C ILE B 74 -31.10 43.27 18.44
N PRO B 75 -29.92 42.93 17.88
CA PRO B 75 -29.38 43.74 16.78
C PRO B 75 -30.36 43.87 15.65
N ASP B 76 -30.58 45.08 15.16
CA ASP B 76 -31.52 45.33 14.06
C ASP B 76 -30.76 45.08 12.75
N HIS B 77 -30.43 43.81 12.53
CA HIS B 77 -29.65 43.37 11.36
C HIS B 77 -30.16 42.00 10.96
N LYS B 78 -30.30 41.77 9.66
CA LYS B 78 -30.59 40.42 9.17
C LYS B 78 -29.58 39.40 9.73
N GLU B 79 -30.13 38.30 10.24
CA GLU B 79 -29.39 37.17 10.80
C GLU B 79 -28.70 37.49 12.14
N GLY B 80 -29.08 38.62 12.75
CA GLY B 80 -28.60 39.04 14.05
C GLY B 80 -29.28 38.32 15.20
N TYR B 81 -28.68 38.37 16.37
CA TYR B 81 -29.30 37.74 17.53
C TYR B 81 -28.68 38.34 18.78
N TYR B 82 -29.39 38.13 19.89
CA TYR B 82 -28.93 38.46 21.22
C TYR B 82 -28.89 37.13 21.94
N LEU B 83 -27.80 36.86 22.66
CA LEU B 83 -27.73 35.72 23.56
C LEU B 83 -27.26 36.17 24.93
N SER B 84 -27.92 35.65 25.97
CA SER B 84 -27.57 35.97 27.34
C SER B 84 -27.65 34.74 28.22
N VAL B 85 -26.59 34.54 28.99
CA VAL B 85 -26.52 33.56 30.02
C VAL B 85 -26.15 34.29 31.32
N ASN B 86 -27.00 34.14 32.32
CA ASN B 86 -26.66 34.49 33.73
C ASN B 86 -27.25 33.46 34.70
N GLU B 87 -27.05 33.73 36.00
CA GLU B 87 -27.50 32.82 37.10
C GLU B 87 -29.02 32.64 37.09
N LYS B 88 -29.72 33.73 36.75
CA LYS B 88 -31.18 33.76 36.66
C LYS B 88 -31.74 33.03 35.43
N GLU B 89 -31.27 33.38 34.22
CA GLU B 89 -31.89 32.86 32.99
C GLU B 89 -31.02 32.89 31.73
N ILE B 90 -31.52 32.16 30.72
CA ILE B 90 -30.91 32.08 29.40
C ILE B 90 -31.84 32.70 28.35
N VAL B 91 -31.28 33.56 27.50
CA VAL B 91 -32.05 34.19 26.39
C VAL B 91 -31.36 33.93 25.05
N LEU B 92 -32.17 33.47 24.08
CA LEU B 92 -31.75 33.11 22.74
C LEU B 92 -32.69 33.74 21.74
N ALA B 93 -32.43 35.00 21.37
CA ALA B 93 -33.41 35.82 20.60
C ALA B 93 -32.85 36.32 19.24
N GLY B 94 -33.44 35.81 18.17
CA GLY B 94 -33.03 36.20 16.86
C GLY B 94 -33.74 37.44 16.39
N ASN B 95 -33.06 38.24 15.56
CA ASN B 95 -33.74 39.28 14.80
C ASN B 95 -34.76 38.65 13.85
N ASP B 96 -34.46 37.45 13.36
CA ASP B 96 -35.29 36.73 12.38
C ASP B 96 -34.98 35.27 12.57
N GLU B 97 -35.62 34.37 11.83
CA GLU B 97 -35.52 32.97 12.16
C GLU B 97 -34.09 32.45 12.08
N ARG B 98 -33.38 32.94 11.06
CA ARG B 98 -32.04 32.46 10.89
C ARG B 98 -31.17 32.94 12.02
N GLY B 99 -31.38 34.16 12.52
CA GLY B 99 -30.63 34.64 13.62
C GLY B 99 -30.81 33.80 14.88
N THR B 100 -32.03 33.29 15.06
CA THR B 100 -32.30 32.40 16.20
C THR B 100 -31.47 31.09 16.08
N TYR B 101 -31.41 30.54 14.88
CA TYR B 101 -30.57 29.39 14.57
C TYR B 101 -29.11 29.63 14.87
N TYR B 102 -28.63 30.81 14.50
CA TYR B 102 -27.27 31.21 14.75
C TYR B 102 -26.93 31.43 16.21
N ALA B 103 -27.91 31.93 16.99
CA ALA B 103 -27.76 32.10 18.43
C ALA B 103 -27.46 30.75 19.05
N LEU B 104 -28.23 29.75 18.64
CA LEU B 104 -27.96 28.35 18.96
C LEU B 104 -26.64 27.75 18.55
N GLN B 105 -26.09 28.12 17.39
CA GLN B 105 -24.79 27.65 17.00
C GLN B 105 -23.71 28.24 17.89
N THR B 106 -23.92 29.47 18.38
CA THR B 106 -22.98 30.10 19.30
C THR B 106 -23.12 29.43 20.67
N PHE B 107 -24.35 29.22 21.07
CA PHE B 107 -24.66 28.60 22.35
C PHE B 107 -24.04 27.19 22.49
N ALA B 108 -24.09 26.40 21.41
CA ALA B 108 -23.45 25.09 21.34
C ALA B 108 -21.96 25.16 21.59
N GLN B 109 -21.30 26.22 21.10
CA GLN B 109 -19.89 26.41 21.37
C GLN B 109 -19.56 26.86 22.82
N LEU B 110 -20.51 27.49 23.51
CA LEU B 110 -20.32 27.95 24.90
C LEU B 110 -20.36 26.82 25.91
N LEU B 111 -21.16 25.81 25.59
CA LEU B 111 -21.45 24.74 26.48
C LEU B 111 -20.27 23.80 26.55
N LYS B 112 -19.65 23.68 27.72
CA LYS B 112 -18.49 22.79 27.95
C LYS B 112 -18.59 22.06 29.30
N ASP B 113 -18.50 20.73 29.26
CA ASP B 113 -18.59 19.89 30.47
C ASP B 113 -19.82 20.24 31.32
N GLY B 114 -20.96 20.37 30.64
CA GLY B 114 -22.24 20.67 31.28
C GLY B 114 -22.35 22.07 31.86
N LYS B 115 -21.37 22.93 31.57
CA LYS B 115 -21.33 24.31 32.08
C LYS B 115 -21.27 25.41 30.98
N LEU B 116 -21.73 26.61 31.34
CA LEU B 116 -21.81 27.76 30.44
C LEU B 116 -21.16 28.98 31.09
N PRO B 117 -20.44 29.79 30.30
CA PRO B 117 -20.02 31.06 30.86
C PRO B 117 -21.20 32.02 30.95
N GLU B 118 -21.08 32.93 31.91
CA GLU B 118 -22.03 33.98 32.09
C GLU B 118 -21.57 35.03 31.08
N VAL B 119 -22.40 35.23 30.05
CA VAL B 119 -22.02 36.09 28.92
C VAL B 119 -23.21 36.83 28.35
N GLU B 120 -22.90 37.95 27.70
CA GLU B 120 -23.86 38.65 26.90
C GLU B 120 -23.25 38.88 25.49
N ILE B 121 -24.01 38.47 24.46
CA ILE B 121 -23.53 38.52 23.09
C ILE B 121 -24.52 39.25 22.19
N LYS B 122 -24.03 40.19 21.40
CA LYS B 122 -24.83 40.78 20.34
C LYS B 122 -24.04 40.65 19.02
N ASP B 123 -24.67 40.01 18.03
CA ASP B 123 -23.98 39.46 16.89
C ASP B 123 -24.81 39.49 15.66
N TYR B 124 -24.12 39.60 14.55
CA TYR B 124 -24.70 39.62 13.22
C TYR B 124 -23.52 39.57 12.23
N PRO B 125 -23.80 39.13 11.00
CA PRO B 125 -22.76 39.03 10.00
C PRO B 125 -22.48 40.36 9.36
N SER B 126 -21.21 40.57 9.01
CA SER B 126 -20.77 41.78 8.29
C SER B 126 -21.00 41.73 6.77
N VAL B 127 -21.02 40.52 6.19
CA VAL B 127 -21.29 40.32 4.75
C VAL B 127 -22.58 39.49 4.60
N ARG B 128 -23.42 39.84 3.63
CA ARG B 128 -24.79 39.29 3.60
C ARG B 128 -24.87 37.82 3.17
N TYR B 129 -24.14 37.46 2.11
CA TYR B 129 -24.04 36.08 1.61
C TYR B 129 -22.70 35.46 1.83
N ARG B 130 -22.67 34.35 2.58
CA ARG B 130 -21.41 33.75 2.94
C ARG B 130 -21.48 32.27 2.67
N GLY B 131 -20.45 31.73 2.06
CA GLY B 131 -20.40 30.31 1.78
C GLY B 131 -19.37 29.81 0.78
N VAL B 132 -19.85 28.86 -0.01
CA VAL B 132 -19.09 27.96 -0.85
C VAL B 132 -19.68 27.87 -2.25
N VAL B 133 -18.85 28.02 -3.29
CA VAL B 133 -19.28 27.67 -4.60
C VAL B 133 -18.55 26.38 -5.00
N GLU B 134 -19.30 25.29 -5.12
CA GLU B 134 -18.73 24.08 -5.74
C GLU B 134 -18.67 24.28 -7.26
N GLY B 135 -17.59 24.90 -7.72
CA GLY B 135 -17.51 25.46 -9.05
C GLY B 135 -16.27 25.13 -9.80
N PHE B 136 -15.56 24.11 -9.34
CA PHE B 136 -14.30 23.68 -9.92
C PHE B 136 -14.43 22.63 -11.01
N TYR B 137 -13.32 22.46 -11.72
CA TYR B 137 -13.12 21.32 -12.65
C TYR B 137 -12.62 20.08 -11.92
N GLY B 138 -13.04 18.89 -12.35
CA GLY B 138 -12.69 17.66 -11.60
C GLY B 138 -13.88 16.84 -11.16
N THR B 139 -13.62 15.78 -10.41
CA THR B 139 -14.67 14.92 -9.88
C THR B 139 -15.53 15.69 -8.88
N PRO B 140 -16.82 15.88 -9.19
CA PRO B 140 -17.69 16.63 -8.31
C PRO B 140 -17.79 15.89 -6.99
N TRP B 141 -18.06 16.65 -5.94
CA TRP B 141 -18.19 16.07 -4.63
C TRP B 141 -19.20 14.95 -4.65
N SER B 142 -18.98 13.94 -3.82
CA SER B 142 -19.99 12.90 -3.62
C SER B 142 -21.19 13.37 -2.78
N HIS B 143 -22.26 12.58 -2.87
CA HIS B 143 -23.49 12.95 -2.24
C HIS B 143 -23.23 13.02 -0.74
N GLN B 144 -22.59 11.96 -0.21
CA GLN B 144 -22.21 11.93 1.20
C GLN B 144 -21.35 13.12 1.63
N ALA B 145 -20.39 13.50 0.78
CA ALA B 145 -19.57 14.65 1.08
C ALA B 145 -20.39 15.93 1.13
N ARG B 146 -21.35 16.11 0.22
CA ARG B 146 -22.20 17.29 0.19
C ARG B 146 -23.07 17.40 1.42
N LEU B 147 -23.60 16.27 1.89
CA LEU B 147 -24.42 16.24 3.14
C LEU B 147 -23.61 16.71 4.35
N SER B 148 -22.38 16.22 4.45
CA SER B 148 -21.47 16.65 5.47
C SER B 148 -21.09 18.13 5.36
N GLN B 149 -20.84 18.63 4.15
CA GLN B 149 -20.62 20.03 3.97
C GLN B 149 -21.74 20.91 4.48
N LEU B 150 -22.98 20.54 4.16
CA LEU B 150 -24.12 21.38 4.47
C LEU B 150 -24.29 21.58 5.98
N LYS B 151 -24.06 20.50 6.71
CA LYS B 151 -24.10 20.52 8.16
C LYS B 151 -23.00 21.43 8.74
N PHE B 152 -21.80 21.30 8.18
CA PHE B 152 -20.65 22.16 8.51
C PHE B 152 -20.94 23.63 8.27
N TYR B 153 -21.64 23.98 7.18
CA TYR B 153 -22.02 25.38 6.87
C TYR B 153 -22.95 25.96 7.92
N GLY B 154 -23.94 25.20 8.32
CA GLY B 154 -24.88 25.59 9.40
C GLY B 154 -24.18 25.95 10.69
N LYS B 155 -23.24 25.10 11.10
CA LYS B 155 -22.46 25.31 12.32
C LYS B 155 -21.63 26.56 12.30
N ASN B 156 -21.16 26.93 11.10
CA ASN B 156 -20.26 28.06 10.92
C ASN B 156 -20.92 29.30 10.33
N LYS B 157 -22.25 29.30 10.38
CA LYS B 157 -23.10 30.42 9.99
C LYS B 157 -22.95 30.81 8.54
N ASN B 159 -24.52 30.83 4.98
CA ASN B 159 -25.90 30.77 4.46
C ASN B 159 -26.09 30.43 2.99
N THR B 160 -24.99 30.15 2.29
CA THR B 160 -24.98 29.97 0.84
C THR B 160 -24.14 28.79 0.38
N TYR B 161 -24.71 27.98 -0.51
CA TYR B 161 -24.04 26.88 -1.19
C TYR B 161 -24.45 26.93 -2.62
N ILE B 162 -23.50 27.27 -3.50
CA ILE B 162 -23.79 27.32 -4.91
C ILE B 162 -23.28 26.04 -5.56
N TYR B 163 -24.19 25.34 -6.20
CA TYR B 163 -23.93 24.08 -6.84
C TYR B 163 -23.60 24.38 -8.30
N GLY B 164 -22.38 24.13 -8.71
CA GLY B 164 -22.00 24.28 -10.14
C GLY B 164 -20.75 23.56 -10.56
N PRO B 165 -20.67 22.22 -10.31
CA PRO B 165 -19.45 21.51 -10.71
C PRO B 165 -19.31 21.48 -12.20
N LYS B 166 -18.17 21.94 -12.70
CA LYS B 166 -17.96 22.05 -14.15
C LYS B 166 -18.21 20.75 -14.89
N ASP B 167 -17.87 19.64 -14.24
CA ASP B 167 -18.02 18.33 -14.87
C ASP B 167 -19.35 17.58 -14.68
N ASP B 168 -20.36 18.24 -14.10
CA ASP B 168 -21.72 17.74 -14.08
C ASP B 168 -22.42 18.06 -15.40
N PRO B 169 -22.76 17.01 -16.16
CA PRO B 169 -23.31 17.20 -17.52
C PRO B 169 -24.70 17.82 -17.53
N TYR B 170 -25.45 17.74 -16.44
CA TYR B 170 -26.76 18.38 -16.36
C TYR B 170 -26.63 19.87 -15.93
N HIS B 171 -25.42 20.28 -15.50
CA HIS B 171 -25.12 21.67 -15.11
C HIS B 171 -24.55 22.45 -16.32
N SER B 172 -23.66 21.80 -17.06
CA SER B 172 -22.94 22.42 -18.17
C SER B 172 -23.33 21.77 -19.50
N ALA B 173 -22.52 22.01 -20.54
CA ALA B 173 -22.97 21.59 -21.86
C ALA B 173 -22.67 20.08 -22.11
N PRO B 174 -23.53 19.39 -22.90
CA PRO B 174 -24.75 19.80 -23.61
C PRO B 174 -26.03 19.60 -22.85
N ASN B 175 -25.94 18.79 -21.77
CA ASN B 175 -27.12 18.30 -21.13
C ASN B 175 -27.71 19.23 -20.06
N TRP B 176 -27.25 20.48 -19.99
CA TRP B 176 -27.96 21.51 -19.21
C TRP B 176 -29.46 21.65 -19.57
N ARG B 177 -29.81 21.34 -20.82
CA ARG B 177 -31.20 21.35 -21.28
C ARG B 177 -32.08 20.19 -20.73
N LEU B 178 -31.46 19.20 -20.13
CA LEU B 178 -32.12 17.96 -19.74
C LEU B 178 -32.40 17.92 -18.22
N PRO B 179 -33.59 17.45 -17.81
CA PRO B 179 -33.78 17.23 -16.38
C PRO B 179 -32.84 16.16 -15.87
N TYR B 180 -32.42 16.30 -14.62
CA TYR B 180 -31.66 15.26 -13.97
C TYR B 180 -32.41 13.92 -14.02
N PRO B 181 -31.69 12.82 -14.17
CA PRO B 181 -32.40 11.57 -14.02
C PRO B 181 -32.91 11.35 -12.59
N ASP B 182 -33.81 10.38 -12.46
CA ASP B 182 -34.51 10.10 -11.22
C ASP B 182 -33.65 9.99 -9.97
N LYS B 183 -32.55 9.24 -10.05
CA LYS B 183 -31.62 9.02 -8.92
C LYS B 183 -31.00 10.34 -8.45
N GLU B 184 -30.48 11.09 -9.40
CA GLU B 184 -29.83 12.39 -9.13
C GLU B 184 -30.81 13.41 -8.64
N ALA B 185 -31.98 13.46 -9.27
CA ALA B 185 -33.03 14.36 -8.89
C ALA B 185 -33.42 14.13 -7.42
N ALA B 186 -33.52 12.88 -7.00
CA ALA B 186 -33.87 12.56 -5.59
C ALA B 186 -32.73 12.93 -4.61
N GLN B 187 -31.50 12.72 -5.04
CA GLN B 187 -30.33 13.16 -4.27
C GLN B 187 -30.35 14.66 -4.10
N LEU B 188 -30.58 15.38 -5.18
CA LEU B 188 -30.70 16.85 -5.08
C LEU B 188 -31.85 17.32 -4.16
N GLN B 189 -33.00 16.67 -4.27
CA GLN B 189 -34.09 16.98 -3.37
C GLN B 189 -33.70 16.81 -1.90
N GLU B 190 -32.96 15.76 -1.60
CA GLU B 190 -32.47 15.54 -0.24
C GLU B 190 -31.43 16.63 0.16
N LEU B 191 -30.55 16.99 -0.75
CA LEU B 191 -29.62 18.09 -0.46
C LEU B 191 -30.35 19.36 -0.10
N VAL B 192 -31.43 19.65 -0.82
CA VAL B 192 -32.18 20.86 -0.59
C VAL B 192 -32.84 20.85 0.78
N ALA B 193 -33.40 19.71 1.17
CA ALA B 193 -34.01 19.59 2.49
C ALA B 193 -32.98 19.76 3.62
N VAL B 194 -31.82 19.13 3.47
CA VAL B 194 -30.74 19.24 4.44
C VAL B 194 -30.23 20.69 4.51
N ALA B 195 -30.05 21.31 3.36
CA ALA B 195 -29.63 22.72 3.30
C ALA B 195 -30.62 23.58 4.10
N ASN B 196 -31.91 23.35 3.86
CA ASN B 196 -32.96 24.08 4.56
C ASN B 196 -32.91 23.91 6.09
N GLU B 197 -32.71 22.68 6.56
CA GLU B 197 -32.65 22.37 8.00
C GLU B 197 -31.44 23.00 8.68
N ASN B 198 -30.43 23.35 7.89
CA ASN B 198 -29.18 23.96 8.36
C ASN B 198 -29.08 25.46 8.05
N GLU B 199 -30.18 26.05 7.55
CA GLU B 199 -30.35 27.47 7.27
C GLU B 199 -29.41 27.95 6.17
N VAL B 200 -29.13 27.05 5.23
CA VAL B 200 -28.34 27.32 4.02
C VAL B 200 -29.24 27.42 2.79
N ASP B 201 -29.04 28.46 1.97
CA ASP B 201 -29.67 28.59 0.67
C ASP B 201 -28.92 27.74 -0.34
N PHE B 202 -29.56 26.70 -0.86
CA PHE B 202 -29.06 25.94 -1.98
C PHE B 202 -29.37 26.72 -3.27
N VAL B 203 -28.29 27.17 -3.92
CA VAL B 203 -28.38 27.92 -5.16
C VAL B 203 -27.95 26.98 -6.28
N TRP B 204 -28.88 26.62 -7.17
CA TRP B 204 -28.50 25.80 -8.30
C TRP B 204 -28.07 26.68 -9.48
N ALA B 205 -26.86 26.48 -9.98
CA ALA B 205 -26.34 27.18 -11.14
C ALA B 205 -26.47 26.34 -12.38
N ILE B 206 -26.43 27.05 -13.52
CA ILE B 206 -26.43 26.48 -14.84
C ILE B 206 -25.33 27.20 -15.65
N HIS B 207 -24.67 26.45 -16.51
CA HIS B 207 -23.49 26.91 -17.27
C HIS B 207 -23.81 26.58 -18.72
N PRO B 208 -24.71 27.34 -19.31
CA PRO B 208 -25.24 27.01 -20.62
C PRO B 208 -24.51 27.69 -21.83
N GLY B 209 -23.54 28.54 -21.53
CA GLY B 209 -23.01 29.50 -22.53
C GLY B 209 -22.21 29.02 -23.73
N GLN B 210 -21.54 27.88 -23.63
CA GLN B 210 -20.69 27.38 -24.71
C GLN B 210 -21.48 27.04 -25.99
N ASP B 211 -22.72 26.56 -25.84
CA ASP B 211 -23.56 26.18 -26.99
C ASP B 211 -24.96 26.84 -27.02
N ILE B 212 -25.16 27.86 -26.19
CA ILE B 212 -26.45 28.54 -26.09
C ILE B 212 -26.72 29.24 -27.41
N LYS B 213 -27.96 29.15 -27.85
CA LYS B 213 -28.46 29.96 -28.93
C LYS B 213 -29.34 31.02 -28.33
N TRP B 214 -29.21 32.24 -28.84
CA TRP B 214 -30.02 33.31 -28.34
C TRP B 214 -31.41 33.30 -29.06
N ASN B 215 -32.11 32.18 -28.95
CA ASN B 215 -33.44 32.03 -29.56
C ASN B 215 -34.48 31.63 -28.49
N LYS B 216 -35.75 31.54 -28.89
CA LYS B 216 -36.86 31.13 -28.00
C LYS B 216 -36.71 29.74 -27.46
N GLU B 217 -36.23 28.82 -28.29
CA GLU B 217 -36.15 27.43 -27.87
C GLU B 217 -35.23 27.23 -26.65
N ASP B 218 -34.04 27.83 -26.68
CA ASP B 218 -33.05 27.66 -25.59
C ASP B 218 -33.47 28.42 -24.33
N ARG B 219 -33.96 29.64 -24.52
CA ARG B 219 -34.54 30.43 -23.44
C ARG B 219 -35.62 29.61 -22.72
N ASP B 220 -36.54 29.05 -23.48
CA ASP B 220 -37.59 28.18 -22.92
C ASP B 220 -37.09 26.94 -22.23
N LEU B 221 -36.04 26.35 -22.77
CA LEU B 221 -35.47 25.15 -22.21
C LEU B 221 -34.76 25.50 -20.89
N LEU B 222 -34.12 26.66 -20.84
CA LEU B 222 -33.45 27.08 -19.60
C LEU B 222 -34.48 27.28 -18.49
N LEU B 223 -35.58 27.96 -18.81
CA LEU B 223 -36.64 28.15 -17.85
C LEU B 223 -37.38 26.84 -17.47
N ALA B 224 -37.58 25.92 -18.42
CA ALA B 224 -38.12 24.61 -18.10
C ALA B 224 -37.23 23.89 -17.09
N LYS B 225 -35.92 23.97 -17.29
CA LYS B 225 -34.94 23.37 -16.36
C LYS B 225 -34.99 23.98 -14.94
N PHE B 226 -34.96 25.31 -14.85
CA PHE B 226 -35.16 26.01 -13.57
C PHE B 226 -36.49 25.59 -12.92
N GLU B 227 -37.54 25.51 -13.73
CA GLU B 227 -38.80 25.01 -13.21
C GLU B 227 -38.71 23.59 -12.60
N LYS B 228 -38.04 22.63 -13.27
CA LYS B 228 -37.80 21.34 -12.61
C LYS B 228 -37.01 21.45 -11.30
N TYR B 230 -37.01 23.99 -9.25
CA TYR B 230 -38.01 24.54 -8.32
C TYR B 230 -38.89 23.41 -7.72
N GLN B 231 -39.31 22.49 -8.58
CA GLN B 231 -40.10 21.32 -8.14
C GLN B 231 -39.33 20.41 -7.15
N LEU B 232 -38.00 20.38 -7.22
CA LEU B 232 -37.18 19.65 -6.24
C LEU B 232 -36.93 20.45 -4.95
N GLY B 233 -37.43 21.67 -4.93
CA GLY B 233 -37.35 22.53 -3.76
C GLY B 233 -36.33 23.67 -3.83
N VAL B 234 -35.67 23.84 -4.98
CA VAL B 234 -34.66 24.90 -5.11
C VAL B 234 -35.30 26.28 -5.15
N ARG B 235 -34.80 27.24 -4.37
CA ARG B 235 -35.35 28.60 -4.29
C ARG B 235 -34.37 29.73 -4.62
N SER B 236 -33.15 29.34 -4.98
CA SER B 236 -32.12 30.29 -5.44
C SER B 236 -31.44 29.69 -6.65
N PHE B 237 -31.06 30.56 -7.55
CA PHE B 237 -30.64 30.18 -8.88
C PHE B 237 -29.49 31.10 -9.35
N ALA B 238 -28.65 30.54 -10.22
CA ALA B 238 -27.51 31.24 -10.83
C ALA B 238 -27.32 30.80 -12.27
N VAL B 239 -26.80 31.74 -13.10
CA VAL B 239 -26.36 31.44 -14.45
C VAL B 239 -24.90 31.88 -14.60
N PHE B 240 -24.04 30.94 -15.01
CA PHE B 240 -22.60 31.17 -15.10
C PHE B 240 -22.18 31.20 -16.56
N PHE B 241 -21.44 32.26 -16.91
CA PHE B 241 -20.87 32.42 -18.24
C PHE B 241 -19.34 32.46 -18.24
N ASP B 242 -18.74 31.81 -17.23
CA ASP B 242 -17.28 31.67 -17.11
C ASP B 242 -16.65 30.61 -18.00
N ASP B 243 -15.48 30.95 -18.55
CA ASP B 243 -14.65 29.99 -19.29
C ASP B 243 -15.39 29.40 -20.49
N ILE B 244 -15.90 30.28 -21.35
CA ILE B 244 -16.58 29.89 -22.57
C ILE B 244 -16.07 30.77 -23.70
N SER B 245 -16.38 30.36 -24.93
CA SER B 245 -16.09 31.16 -26.11
C SER B 245 -17.32 31.24 -27.02
N GLY B 246 -17.34 32.23 -27.91
CA GLY B 246 -18.41 32.36 -28.89
C GLY B 246 -19.52 33.32 -28.52
N GLU B 247 -20.68 33.07 -29.12
CA GLU B 247 -21.84 33.96 -28.99
C GLU B 247 -22.40 34.04 -27.58
N GLY B 248 -22.25 32.99 -26.79
CA GLY B 248 -22.69 33.03 -25.38
C GLY B 248 -21.99 34.08 -24.50
N THR B 249 -20.92 34.71 -25.03
CA THR B 249 -20.14 35.74 -24.33
C THR B 249 -20.70 37.18 -24.47
N ASN B 250 -21.77 37.33 -25.23
CA ASN B 250 -22.37 38.65 -25.52
C ASN B 250 -23.05 39.24 -24.29
N PRO B 251 -22.51 40.35 -23.77
CA PRO B 251 -23.03 40.87 -22.48
C PRO B 251 -24.46 41.38 -22.56
N GLN B 252 -24.84 41.96 -23.71
CA GLN B 252 -26.20 42.47 -23.88
C GLN B 252 -27.23 41.33 -23.86
N LYS B 253 -26.92 40.22 -24.51
CA LYS B 253 -27.79 39.05 -24.51
C LYS B 253 -27.78 38.33 -23.15
N GLN B 254 -26.62 38.30 -22.47
CA GLN B 254 -26.57 37.71 -21.14
C GLN B 254 -27.50 38.44 -20.17
N ALA B 255 -27.40 39.77 -20.14
CA ALA B 255 -28.27 40.63 -19.33
C ALA B 255 -29.74 40.48 -19.65
N GLU B 256 -30.08 40.40 -20.94
CA GLU B 256 -31.46 40.23 -21.40
C GLU B 256 -32.00 38.90 -20.87
N LEU B 257 -31.16 37.87 -20.92
CA LEU B 257 -31.58 36.56 -20.44
C LEU B 257 -31.86 36.54 -18.93
N LEU B 258 -30.93 37.10 -18.16
CA LEU B 258 -31.05 37.23 -16.72
C LEU B 258 -32.27 38.07 -16.28
N ASN B 259 -32.47 39.19 -16.96
CA ASN B 259 -33.67 40.04 -16.79
C ASN B 259 -34.93 39.26 -17.11
N TYR B 260 -34.86 38.42 -18.13
CA TYR B 260 -36.00 37.59 -18.51
C TYR B 260 -36.34 36.55 -17.43
N ILE B 261 -35.32 35.87 -16.90
CA ILE B 261 -35.49 34.94 -15.78
C ILE B 261 -36.06 35.67 -14.59
N ASP B 262 -35.52 36.84 -14.29
CA ASP B 262 -36.00 37.64 -13.17
C ASP B 262 -37.49 37.97 -13.35
N GLU B 263 -37.84 38.50 -14.51
CA GLU B 263 -39.20 38.96 -14.77
C GLU B 263 -40.25 37.82 -14.93
N LYS B 264 -39.89 36.72 -15.57
CA LYS B 264 -40.81 35.62 -15.81
C LYS B 264 -40.80 34.49 -14.79
N PHE B 265 -39.84 34.48 -13.87
CA PHE B 265 -39.67 33.34 -12.95
C PHE B 265 -39.37 33.85 -11.54
N ALA B 266 -38.28 34.61 -11.36
CA ALA B 266 -37.90 35.05 -9.99
C ALA B 266 -38.95 35.97 -9.33
N GLN B 267 -39.64 36.78 -10.15
CA GLN B 267 -40.76 37.66 -9.72
C GLN B 267 -42.14 37.02 -9.83
N VAL B 268 -42.23 35.79 -10.30
CA VAL B 268 -43.51 35.13 -10.47
C VAL B 268 -43.75 34.06 -9.39
N LYS B 269 -42.68 33.37 -8.97
CA LYS B 269 -42.73 32.40 -7.87
C LYS B 269 -42.82 33.14 -6.58
N PRO B 270 -43.55 32.58 -5.58
CA PRO B 270 -43.75 33.34 -4.34
C PRO B 270 -42.50 33.55 -3.45
N ASP B 271 -41.44 32.74 -3.67
CA ASP B 271 -40.41 32.58 -2.65
C ASP B 271 -39.00 32.36 -3.20
N ILE B 272 -38.64 33.02 -4.30
CA ILE B 272 -37.26 32.94 -4.80
C ILE B 272 -36.36 33.88 -4.02
N ASN B 273 -35.19 33.38 -3.59
CA ASN B 273 -34.27 34.18 -2.81
C ASN B 273 -33.18 34.83 -3.67
N GLN B 274 -32.04 34.16 -3.87
CA GLN B 274 -30.94 34.71 -4.65
C GLN B 274 -31.08 34.44 -6.16
N LEU B 275 -30.69 35.43 -6.93
CA LEU B 275 -30.50 35.31 -8.37
C LEU B 275 -29.14 35.96 -8.70
N VAL B 276 -28.22 35.16 -9.23
CA VAL B 276 -26.82 35.50 -9.35
C VAL B 276 -26.31 35.12 -10.70
N CYS B 278 -22.44 34.78 -13.04
CA CYS B 278 -20.98 34.91 -13.15
C CYS B 278 -20.64 35.41 -14.54
N PRO B 279 -19.96 36.54 -14.65
CA PRO B 279 -19.68 37.06 -16.00
C PRO B 279 -18.61 36.30 -16.74
N THR B 280 -18.54 36.55 -18.04
CA THR B 280 -17.44 36.04 -18.89
C THR B 280 -16.11 36.74 -18.56
N GLU B 281 -16.14 38.04 -18.37
CA GLU B 281 -14.94 38.78 -17.95
C GLU B 281 -15.12 38.90 -16.46
N TYR B 282 -14.52 37.97 -15.70
CA TYR B 282 -14.82 37.78 -14.26
C TYR B 282 -13.65 38.17 -13.36
N ASN B 283 -12.62 38.76 -13.99
CA ASN B 283 -11.52 39.34 -13.25
C ASN B 283 -10.86 40.50 -14.05
N LYS B 284 -10.15 41.38 -13.36
CA LYS B 284 -9.59 42.59 -14.00
C LYS B 284 -8.64 42.32 -15.16
N SER B 285 -7.71 41.39 -14.96
CA SER B 285 -6.74 41.06 -16.03
C SER B 285 -7.44 40.55 -17.31
N TRP B 286 -8.61 39.96 -17.19
CA TRP B 286 -9.33 39.40 -18.32
C TRP B 286 -10.37 40.38 -18.88
N SER B 287 -10.50 41.54 -18.26
CA SER B 287 -11.42 42.55 -18.73
C SER B 287 -10.71 43.36 -19.81
N ASN B 288 -11.33 43.43 -20.98
CA ASN B 288 -10.74 44.05 -22.14
C ASN B 288 -10.79 45.56 -21.89
N PRO B 289 -9.62 46.21 -21.79
CA PRO B 289 -9.73 47.62 -21.45
C PRO B 289 -10.36 48.39 -22.61
N ASN B 290 -11.26 49.31 -22.24
CA ASN B 290 -12.07 50.12 -23.17
C ASN B 290 -13.12 49.36 -23.99
N GLY B 291 -13.30 48.07 -23.67
CA GLY B 291 -14.43 47.28 -24.17
C GLY B 291 -15.55 47.62 -23.24
N ASN B 292 -16.77 47.29 -23.57
CA ASN B 292 -17.81 47.77 -22.66
C ASN B 292 -18.53 46.63 -21.95
N TYR B 293 -17.81 45.52 -21.77
CA TYR B 293 -18.43 44.30 -21.30
C TYR B 293 -19.03 44.54 -19.93
N LEU B 294 -18.21 45.00 -18.98
CA LEU B 294 -18.65 45.11 -17.59
C LEU B 294 -19.65 46.24 -17.35
N THR B 295 -19.45 47.37 -18.04
CA THR B 295 -20.39 48.50 -17.98
C THR B 295 -21.74 48.18 -18.60
N THR B 296 -21.74 47.41 -19.68
CA THR B 296 -23.01 46.91 -20.24
C THR B 296 -23.78 46.06 -19.21
N LEU B 297 -23.10 45.13 -18.55
CA LEU B 297 -23.77 44.37 -17.47
C LEU B 297 -24.23 45.30 -16.35
N GLY B 298 -23.33 46.17 -15.91
CA GLY B 298 -23.61 47.14 -14.90
C GLY B 298 -24.86 47.96 -15.14
N ASP B 299 -25.00 48.43 -16.37
CA ASP B 299 -26.14 49.24 -16.76
C ASP B 299 -27.42 48.47 -17.06
N LYS B 300 -27.32 47.30 -17.68
CA LYS B 300 -28.50 46.58 -18.17
C LYS B 300 -29.13 45.58 -17.19
N LEU B 301 -28.31 44.97 -16.32
CA LEU B 301 -28.80 43.96 -15.38
C LEU B 301 -29.68 44.56 -14.29
N ASN B 302 -30.85 43.96 -14.08
CA ASN B 302 -31.75 44.41 -13.02
C ASN B 302 -30.97 44.49 -11.70
N PRO B 303 -31.15 45.58 -10.95
CA PRO B 303 -30.36 45.83 -9.74
C PRO B 303 -30.39 44.71 -8.69
N SER B 304 -31.43 43.88 -8.69
CA SER B 304 -31.56 42.77 -7.76
C SER B 304 -30.59 41.62 -8.07
N ILE B 305 -29.99 41.63 -9.25
CA ILE B 305 -29.24 40.49 -9.72
C ILE B 305 -27.78 40.65 -9.30
N GLN B 306 -27.20 39.60 -8.77
CA GLN B 306 -25.83 39.68 -8.29
C GLN B 306 -24.85 39.36 -9.40
N ILE B 307 -23.70 40.00 -9.33
CA ILE B 307 -22.61 39.77 -10.27
C ILE B 307 -21.32 39.35 -9.57
N TRP B 309 -17.31 37.91 -9.08
CA TRP B 309 -16.00 38.48 -9.48
C TRP B 309 -14.94 37.76 -8.69
N THR B 310 -13.82 37.44 -9.33
CA THR B 310 -12.71 36.71 -8.67
C THR B 310 -11.51 37.58 -8.25
N GLY B 311 -11.53 38.87 -8.61
CA GLY B 311 -10.60 39.83 -8.10
C GLY B 311 -9.81 40.36 -9.30
N ASP B 312 -8.55 40.71 -9.09
CA ASP B 312 -7.74 41.32 -10.17
C ASP B 312 -7.20 40.32 -11.20
N ARG B 313 -7.14 39.06 -10.82
CA ARG B 313 -6.72 37.99 -11.70
C ARG B 313 -7.66 36.80 -11.44
N VAL B 314 -7.54 35.78 -12.27
CA VAL B 314 -8.32 34.57 -12.14
C VAL B 314 -8.20 34.08 -10.70
N ILE B 315 -6.96 33.98 -10.19
CA ILE B 315 -6.72 33.60 -8.79
C ILE B 315 -6.12 34.83 -8.11
N SER B 316 -6.82 35.35 -7.11
CA SER B 316 -6.51 36.65 -6.61
C SER B 316 -7.10 36.82 -5.21
N ASP B 317 -6.44 37.58 -4.36
CA ASP B 317 -7.04 37.99 -3.10
C ASP B 317 -7.64 39.38 -3.30
N ILE B 318 -8.61 39.72 -2.47
CA ILE B 318 -9.47 40.87 -2.69
C ILE B 318 -8.98 42.09 -1.90
N THR B 319 -8.72 43.17 -2.63
CA THR B 319 -8.19 44.39 -2.04
C THR B 319 -9.18 45.54 -2.18
N ARG B 320 -8.89 46.64 -1.45
CA ARG B 320 -9.73 47.82 -1.52
C ARG B 320 -9.74 48.46 -2.90
N ASP B 321 -8.55 48.67 -3.48
CA ASP B 321 -8.47 49.17 -4.84
C ASP B 321 -9.14 48.24 -5.82
N GLY B 322 -8.96 46.93 -5.66
CA GLY B 322 -9.60 45.98 -6.54
C GLY B 322 -11.12 45.99 -6.52
N ILE B 323 -11.71 46.04 -5.33
CA ILE B 323 -13.16 45.96 -5.22
C ILE B 323 -13.78 47.28 -5.70
N SER B 324 -13.10 48.40 -5.48
CA SER B 324 -13.57 49.71 -5.99
C SER B 324 -13.61 49.76 -7.51
N TRP B 325 -12.59 49.16 -8.10
CA TRP B 325 -12.48 49.09 -9.55
C TRP B 325 -13.69 48.37 -10.17
N ILE B 326 -14.10 47.24 -9.59
CA ILE B 326 -15.22 46.48 -10.18
C ILE B 326 -16.58 47.12 -9.85
N ASN B 327 -16.77 47.56 -8.61
CA ASN B 327 -18.05 48.15 -8.16
C ASN B 327 -18.46 49.38 -8.99
N GLU B 328 -17.44 50.14 -9.40
CA GLU B 328 -17.61 51.32 -10.25
C GLU B 328 -18.22 50.99 -11.60
N ARG B 329 -17.94 49.80 -12.10
CA ARG B 329 -18.35 49.40 -13.41
C ARG B 329 -19.65 48.63 -13.42
N ILE B 330 -19.82 47.74 -12.45
CA ILE B 330 -21.05 46.94 -12.34
C ILE B 330 -22.16 47.67 -11.58
N LYS B 331 -21.82 48.78 -10.93
CA LYS B 331 -22.78 49.68 -10.30
C LYS B 331 -23.50 49.03 -9.13
N ARG B 332 -22.81 48.14 -8.43
CA ARG B 332 -23.38 47.46 -7.27
C ARG B 332 -22.19 46.74 -6.60
N PRO B 333 -22.33 46.30 -5.35
CA PRO B 333 -21.27 45.61 -4.66
C PRO B 333 -21.08 44.19 -5.20
N ALA B 334 -19.84 43.86 -5.55
CA ALA B 334 -19.52 42.59 -6.20
C ALA B 334 -19.75 41.45 -5.24
N TYR B 335 -20.09 40.30 -5.81
CA TYR B 335 -20.30 39.09 -5.08
C TYR B 335 -19.04 38.27 -5.31
N ILE B 336 -18.18 38.14 -4.28
CA ILE B 336 -16.84 37.58 -4.52
C ILE B 336 -16.84 36.07 -4.68
N TRP B 337 -16.20 35.62 -5.74
CA TRP B 337 -15.83 34.23 -6.02
C TRP B 337 -14.34 34.14 -5.80
N TRP B 338 -13.95 33.67 -4.63
CA TRP B 338 -12.56 33.59 -4.21
C TRP B 338 -11.94 32.22 -4.52
N ASN B 339 -10.92 32.21 -5.39
CA ASN B 339 -10.36 30.93 -5.87
C ASN B 339 -9.29 30.33 -4.95
N PHE B 340 -9.69 29.94 -3.74
CA PHE B 340 -8.82 29.29 -2.83
C PHE B 340 -9.80 28.58 -1.87
N PRO B 341 -9.54 27.31 -1.56
CA PRO B 341 -8.37 26.45 -1.90
C PRO B 341 -8.39 25.63 -3.21
N VAL B 342 -9.25 25.99 -4.16
CA VAL B 342 -9.37 25.23 -5.40
C VAL B 342 -8.00 24.89 -5.91
N SER B 343 -7.82 23.61 -6.27
CA SER B 343 -6.52 23.05 -6.70
CA SER B 343 -6.53 23.05 -6.72
C SER B 343 -6.59 22.49 -8.11
N ASP B 344 -7.59 22.88 -8.89
CA ASP B 344 -7.92 22.14 -10.11
C ASP B 344 -6.96 22.41 -11.27
N TYR B 345 -6.04 23.36 -11.05
CA TYR B 345 -4.99 23.68 -12.00
C TYR B 345 -3.60 23.28 -11.42
N VAL B 346 -3.60 22.73 -10.21
CA VAL B 346 -2.39 22.23 -9.48
C VAL B 346 -2.76 20.94 -8.72
N ARG B 347 -3.33 19.99 -9.47
CA ARG B 347 -4.03 18.85 -8.86
C ARG B 347 -3.13 17.88 -8.14
N ASP B 348 -1.83 17.96 -8.40
CA ASP B 348 -0.84 17.20 -7.65
C ASP B 348 -0.50 17.77 -6.27
N HIS B 349 -1.08 18.92 -5.89
CA HIS B 349 -0.85 19.57 -4.56
C HIS B 349 -2.16 19.64 -3.80
N LEU B 350 -2.06 19.45 -2.49
CA LEU B 350 -3.09 19.82 -1.54
C LEU B 350 -2.79 21.22 -0.98
N LEU B 351 -3.84 22.04 -0.81
CA LEU B 351 -3.69 23.44 -0.35
C LEU B 351 -4.38 23.58 1.00
N LEU B 352 -3.60 23.30 2.05
CA LEU B 352 -4.12 23.10 3.40
C LEU B 352 -3.71 24.24 4.34
N GLY B 353 -3.10 25.32 3.81
CA GLY B 353 -2.69 26.40 4.69
C GLY B 353 -3.78 27.38 5.03
N PRO B 354 -3.46 28.37 5.88
CA PRO B 354 -4.39 29.42 6.27
C PRO B 354 -5.00 30.24 5.15
N VAL B 355 -6.14 30.83 5.47
CA VAL B 355 -6.82 31.77 4.61
C VAL B 355 -6.31 33.17 4.97
N TYR B 356 -5.72 33.88 4.00
CA TYR B 356 -5.22 35.22 4.25
C TYR B 356 -5.10 35.97 2.90
N GLY B 357 -4.93 37.29 2.96
CA GLY B 357 -4.60 38.14 1.75
C GLY B 357 -5.74 39.09 1.45
N ASN B 358 -6.92 38.82 2.01
CA ASN B 358 -8.12 39.59 1.73
C ASN B 358 -8.30 40.71 2.75
N ASP B 359 -8.55 41.90 2.23
CA ASP B 359 -8.71 43.08 3.05
C ASP B 359 -9.88 42.88 4.06
N THR B 360 -9.61 43.18 5.29
CA THR B 360 -10.57 43.00 6.36
C THR B 360 -11.45 44.23 6.60
N THR B 361 -11.29 45.30 5.78
CA THR B 361 -12.08 46.50 6.01
C THR B 361 -13.17 46.80 4.95
N ILE B 362 -13.40 45.89 4.00
CA ILE B 362 -14.19 46.18 2.83
C ILE B 362 -15.54 45.44 2.77
N ALA B 363 -16.05 45.00 3.93
CA ALA B 363 -17.34 44.29 3.96
C ALA B 363 -18.49 45.04 3.28
N LYS B 364 -18.56 46.35 3.50
CA LYS B 364 -19.58 47.18 2.86
C LYS B 364 -19.50 47.16 1.32
N GLU B 365 -18.35 46.84 0.77
CA GLU B 365 -18.13 46.84 -0.67
C GLU B 365 -18.42 45.50 -1.38
N SER B 367 -21.34 42.16 -1.73
N SER B 367 -21.33 42.18 -1.75
CA SER B 367 -22.67 41.63 -1.46
CA SER B 367 -22.67 41.60 -1.53
C SER B 367 -22.58 40.19 -0.97
C SER B 367 -22.54 40.20 -0.94
N GLY B 368 -21.49 39.52 -1.37
CA GLY B 368 -21.22 38.16 -0.93
C GLY B 368 -19.76 37.78 -1.05
N PHE B 369 -19.43 36.71 -0.36
CA PHE B 369 -18.10 36.15 -0.44
C PHE B 369 -18.23 34.65 -0.42
N VAL B 370 -17.81 34.02 -1.51
CA VAL B 370 -17.81 32.55 -1.51
C VAL B 370 -16.47 31.98 -1.94
N THR B 371 -16.16 30.83 -1.34
CA THR B 371 -14.94 30.09 -1.63
C THR B 371 -15.19 28.96 -2.66
N ASN B 372 -14.35 28.91 -3.71
CA ASN B 372 -14.24 27.77 -4.62
C ASN B 372 -13.19 26.79 -4.05
N PRO B 373 -13.63 25.61 -3.59
CA PRO B 373 -12.82 24.65 -2.82
C PRO B 373 -12.12 23.57 -3.65
N GLU B 375 -11.49 19.66 -5.04
CA GLU B 375 -12.32 18.55 -5.31
C GLU B 375 -12.27 17.59 -4.14
N HIS B 376 -11.31 17.76 -3.22
CA HIS B 376 -11.25 17.07 -1.89
C HIS B 376 -12.08 17.79 -0.82
N ALA B 377 -13.28 17.30 -0.54
CA ALA B 377 -14.28 18.05 0.18
C ALA B 377 -13.89 18.23 1.66
N GLU B 378 -13.56 17.16 2.35
CA GLU B 378 -13.22 17.29 3.78
C GLU B 378 -11.95 18.10 3.99
N SER B 379 -10.99 17.93 3.09
CA SER B 379 -9.72 18.65 3.18
C SER B 379 -9.93 20.16 3.09
N SER B 380 -10.94 20.57 2.31
CA SER B 380 -11.38 21.96 2.11
C SER B 380 -11.99 22.63 3.33
N LYS B 381 -12.40 21.84 4.32
CA LYS B 381 -12.99 22.37 5.53
C LYS B 381 -12.09 23.35 6.30
N ILE B 382 -10.78 23.18 6.25
CA ILE B 382 -9.86 24.12 6.91
C ILE B 382 -10.07 25.54 6.36
N ALA B 383 -10.06 25.66 5.06
CA ALA B 383 -10.26 26.95 4.39
C ALA B 383 -11.71 27.42 4.55
N ILE B 384 -12.67 26.52 4.37
CA ILE B 384 -14.11 26.86 4.52
C ILE B 384 -14.44 27.47 5.87
N TYR B 385 -14.00 26.82 6.93
CA TYR B 385 -14.21 27.31 8.29
C TYR B 385 -13.61 28.71 8.48
N SER B 386 -12.42 28.92 7.90
CA SER B 386 -11.73 30.19 7.95
C SER B 386 -12.45 31.29 7.17
N VAL B 387 -12.90 30.98 5.95
CA VAL B 387 -13.71 31.89 5.15
C VAL B 387 -14.99 32.25 5.86
N ALA B 388 -15.64 31.26 6.48
CA ALA B 388 -16.81 31.53 7.29
C ALA B 388 -16.55 32.59 8.34
N SER B 389 -15.39 32.49 9.00
CA SER B 389 -15.01 33.36 10.10
C SER B 389 -14.75 34.75 9.55
N TYR B 390 -13.99 34.81 8.45
CA TYR B 390 -13.71 36.03 7.75
C TYR B 390 -14.96 36.79 7.30
N ALA B 391 -15.86 36.11 6.64
CA ALA B 391 -17.00 36.76 6.04
C ALA B 391 -18.03 37.24 7.07
N TRP B 392 -18.17 36.53 8.20
CA TRP B 392 -19.06 36.98 9.27
C TRP B 392 -18.48 38.22 10.04
N ASN B 393 -17.21 38.18 10.42
CA ASN B 393 -16.59 39.22 11.21
C ASN B 393 -15.18 39.53 10.68
N PRO B 394 -15.11 40.15 9.51
CA PRO B 394 -13.79 40.46 8.95
C PRO B 394 -12.89 41.34 9.82
N ALA B 395 -13.45 42.33 10.53
CA ALA B 395 -12.63 43.23 11.38
C ALA B 395 -11.84 42.51 12.46
N LYS B 396 -12.42 41.43 12.98
CA LYS B 396 -11.74 40.60 13.97
C LYS B 396 -11.09 39.34 13.36
N TYR B 397 -10.94 39.27 12.05
CA TYR B 397 -10.45 38.02 11.47
C TYR B 397 -8.96 37.81 11.76
N ASP B 398 -8.68 36.67 12.38
CA ASP B 398 -7.36 36.27 12.78
C ASP B 398 -6.94 35.03 12.00
N THR B 399 -6.11 35.23 10.99
CA THR B 399 -5.68 34.16 10.10
C THR B 399 -5.19 32.87 10.73
N TRP B 400 -4.18 32.97 11.60
CA TRP B 400 -3.52 31.82 12.14
C TRP B 400 -4.33 31.15 13.21
N GLN B 401 -4.96 31.90 14.08
CA GLN B 401 -5.75 31.23 15.15
C GLN B 401 -6.95 30.49 14.56
N THR B 402 -7.53 31.08 13.54
CA THR B 402 -8.70 30.50 12.86
C THR B 402 -8.32 29.19 12.17
N TRP B 403 -7.18 29.18 11.51
CA TRP B 403 -6.57 27.96 10.93
C TRP B 403 -6.39 26.87 11.96
N LYS B 404 -5.76 27.20 13.08
CA LYS B 404 -5.61 26.24 14.18
C LYS B 404 -6.96 25.78 14.73
N ASP B 405 -7.86 26.72 14.95
CA ASP B 405 -9.24 26.39 15.39
C ASP B 405 -9.95 25.41 14.46
N ALA B 406 -9.85 25.65 13.17
CA ALA B 406 -10.41 24.80 12.11
C ALA B 406 -9.93 23.39 12.22
N ILE B 407 -8.60 23.25 12.28
CA ILE B 407 -7.94 21.96 12.41
C ILE B 407 -8.41 21.17 13.65
N ARG B 408 -8.50 21.86 14.78
CA ARG B 408 -8.93 21.22 16.06
C ARG B 408 -10.40 20.84 16.05
N THR B 409 -11.21 21.56 15.26
CA THR B 409 -12.62 21.24 15.06
C THR B 409 -12.78 20.04 14.15
N ILE B 410 -12.00 20.04 13.08
CA ILE B 410 -12.09 19.01 12.06
CA ILE B 410 -12.10 19.00 12.07
C ILE B 410 -11.49 17.69 12.55
N LEU B 411 -10.38 17.76 13.30
CA LEU B 411 -9.79 16.50 13.79
C LEU B 411 -9.27 16.63 15.21
N PRO B 412 -10.19 16.75 16.17
CA PRO B 412 -9.76 16.96 17.56
C PRO B 412 -8.78 15.88 18.10
N SER B 413 -8.89 14.65 17.61
CA SER B 413 -8.09 13.54 18.11
C SER B 413 -6.65 13.56 17.60
N ALA B 414 -6.38 14.30 16.52
CA ALA B 414 -5.04 14.36 15.95
C ALA B 414 -4.74 15.75 15.40
N ALA B 415 -5.09 16.77 16.19
CA ALA B 415 -5.05 18.14 15.74
C ALA B 415 -3.61 18.58 15.45
N GLU B 416 -2.67 18.25 16.33
CA GLU B 416 -1.27 18.61 16.13
C GLU B 416 -0.62 17.93 14.92
N GLU B 417 -1.00 16.68 14.68
CA GLU B 417 -0.53 15.93 13.53
C GLU B 417 -1.05 16.52 12.22
N LEU B 418 -2.34 16.90 12.17
CA LEU B 418 -2.87 17.57 10.97
C LEU B 418 -2.24 18.96 10.73
N GLU B 419 -2.00 19.73 11.81
CA GLU B 419 -1.26 20.97 11.71
C GLU B 419 0.09 20.78 11.11
N CYS B 420 0.82 19.78 11.61
CA CYS B 420 2.15 19.46 11.02
C CYS B 420 2.06 19.16 9.51
N PHE B 421 1.16 18.26 9.14
CA PHE B 421 0.92 17.96 7.73
C PHE B 421 0.50 19.20 6.91
N ALA B 422 -0.48 19.95 7.40
CA ALA B 422 -1.02 21.14 6.67
C ALA B 422 0.02 22.25 6.51
N HIS B 424 3.15 22.08 5.96
CA HIS B 424 4.05 21.78 4.84
C HIS B 424 3.34 21.30 3.59
N ASN B 425 2.03 21.53 3.53
CA ASN B 425 1.24 21.28 2.31
C ASN B 425 0.29 22.44 2.12
N SER B 426 0.87 23.60 1.74
CA SER B 426 0.18 24.88 1.67
CA SER B 426 0.12 24.84 1.61
C SER B 426 0.41 25.58 0.31
N ASP B 427 1.56 25.40 -0.28
CA ASP B 427 1.94 26.11 -1.52
C ASP B 427 1.54 25.35 -2.77
N LEU B 428 1.36 26.06 -3.87
CA LEU B 428 0.88 25.48 -5.10
C LEU B 428 2.01 25.09 -6.05
N GLY B 429 3.23 25.51 -5.74
CA GLY B 429 4.34 25.47 -6.70
C GLY B 429 4.10 26.37 -7.88
N PRO B 430 5.08 26.47 -8.80
CA PRO B 430 4.82 27.36 -9.91
C PRO B 430 3.67 26.88 -10.81
N ASN B 431 2.87 27.82 -11.29
CA ASN B 431 1.71 27.49 -12.08
C ASN B 431 1.41 28.62 -13.04
N GLY B 432 0.51 28.35 -13.97
CA GLY B 432 0.12 29.31 -14.99
C GLY B 432 -0.63 30.53 -14.51
N HIS B 433 -1.23 30.44 -13.33
CA HIS B 433 -1.92 31.58 -12.73
C HIS B 433 -1.05 32.47 -11.85
N GLY B 434 0.19 32.07 -11.60
CA GLY B 434 1.10 32.83 -10.79
C GLY B 434 0.76 32.99 -9.31
N TYR B 435 -0.10 32.13 -8.77
CA TYR B 435 -0.55 32.23 -7.38
C TYR B 435 0.24 31.27 -6.50
N ARG B 436 0.74 31.79 -5.37
CA ARG B 436 1.56 31.02 -4.46
C ARG B 436 1.09 31.34 -3.09
N ARG B 437 1.37 30.44 -2.15
CA ARG B 437 1.06 30.62 -0.73
C ARG B 437 2.29 30.29 0.05
N GLU B 438 2.42 30.85 1.24
CA GLU B 438 3.60 30.52 2.03
C GLU B 438 3.48 29.05 2.59
N GLU B 439 4.62 28.47 2.96
CA GLU B 439 4.74 27.07 3.41
C GLU B 439 6.06 26.92 4.17
N SER B 440 6.02 26.23 5.30
CA SER B 440 7.21 25.79 6.02
C SER B 440 8.04 26.98 6.47
N ASP B 442 8.38 28.58 9.34
CA ASP B 442 9.07 28.41 10.62
C ASP B 442 10.50 27.81 10.53
N ILE B 443 10.65 26.70 9.80
CA ILE B 443 11.95 26.06 9.64
C ILE B 443 12.79 26.69 8.54
N GLN B 444 12.19 27.57 7.75
CA GLN B 444 12.90 28.11 6.59
C GLN B 444 14.28 28.70 6.90
N PRO B 445 14.40 29.50 7.97
CA PRO B 445 15.69 30.16 8.20
C PRO B 445 16.77 29.19 8.64
N ALA B 446 16.44 28.26 9.55
CA ALA B 446 17.33 27.14 9.90
C ALA B 446 17.76 26.35 8.67
N ALA B 447 16.81 26.10 7.76
CA ALA B 447 17.12 25.46 6.48
C ALA B 447 18.04 26.31 5.63
N GLU B 448 17.78 27.60 5.56
CA GLU B 448 18.54 28.46 4.67
C GLU B 448 20.00 28.64 5.16
N ARG B 449 20.16 28.63 6.48
CA ARG B 449 21.47 28.73 7.13
C ARG B 449 22.29 27.47 7.05
N PHE B 450 21.63 26.37 7.37
CA PHE B 450 22.26 25.05 7.32
C PHE B 450 22.89 24.88 5.95
N LEU B 451 22.16 25.27 4.92
CA LEU B 451 22.56 24.97 3.57
C LEU B 451 23.61 25.92 2.99
N LYS B 452 23.65 27.19 3.43
CA LYS B 452 24.76 28.10 3.06
C LYS B 452 26.06 27.62 3.68
N ALA B 453 26.06 27.48 5.00
CA ALA B 453 27.17 26.85 5.67
C ALA B 453 27.61 25.64 4.85
N PHE B 454 26.79 24.59 4.92
CA PHE B 454 27.14 23.28 4.41
C PHE B 454 27.78 23.37 3.06
N LYS B 455 27.08 24.00 2.11
CA LYS B 455 27.60 24.18 0.74
C LYS B 455 29.00 24.82 0.74
N GLU B 456 29.05 26.12 1.03
CA GLU B 456 30.27 26.90 0.81
C GLU B 456 31.51 26.29 1.50
N GLY B 457 31.35 25.59 2.62
CA GLY B 457 32.49 24.91 3.29
C GLY B 457 32.65 25.32 4.76
N LYS B 458 31.99 26.42 5.12
CA LYS B 458 31.85 26.85 6.51
C LYS B 458 30.96 25.83 7.24
N ASN B 459 31.23 25.55 8.52
CA ASN B 459 30.42 24.56 9.24
C ASN B 459 29.13 25.13 9.91
N TYR B 460 28.19 24.22 10.20
CA TYR B 460 26.79 24.59 10.56
C TYR B 460 26.52 24.53 12.08
N ASP B 461 25.42 25.16 12.50
CA ASP B 461 25.05 25.20 13.91
C ASP B 461 24.27 23.95 14.32
N LYS B 462 24.72 23.32 15.40
CA LYS B 462 24.03 22.16 15.98
C LYS B 462 22.52 22.36 16.06
N ALA B 463 22.14 23.55 16.50
CA ALA B 463 20.76 23.93 16.68
C ALA B 463 19.96 23.76 15.38
N ASP B 464 20.50 24.26 14.27
CA ASP B 464 19.84 24.11 12.97
C ASP B 464 19.70 22.65 12.51
N PHE B 465 20.72 21.85 12.80
CA PHE B 465 20.74 20.43 12.40
C PHE B 465 19.64 19.70 13.13
N GLU B 466 19.55 19.96 14.43
CA GLU B 466 18.53 19.35 15.24
C GLU B 466 17.13 19.85 14.94
N THR B 467 16.99 21.11 14.53
CA THR B 467 15.69 21.66 14.16
C THR B 467 15.19 20.85 12.99
N LEU B 468 16.07 20.66 12.00
CA LEU B 468 15.78 19.82 10.86
C LEU B 468 15.46 18.35 11.24
N GLN B 469 16.23 17.76 12.15
CA GLN B 469 15.98 16.40 12.60
C GLN B 469 14.67 16.22 13.38
N TYR B 470 14.37 17.20 14.22
CA TYR B 470 13.10 17.27 14.95
C TYR B 470 11.90 17.31 14.01
N THR B 471 12.04 18.11 12.94
CA THR B 471 11.04 18.29 11.91
C THR B 471 10.76 16.99 11.15
N PHE B 472 11.81 16.30 10.71
CA PHE B 472 11.63 15.04 10.02
C PHE B 472 11.00 14.01 10.92
N GLU B 473 11.47 13.91 12.15
CA GLU B 473 10.87 13.00 13.12
C GLU B 473 9.40 13.26 13.36
N ARG B 474 9.07 14.54 13.50
CA ARG B 474 7.71 14.94 13.72
C ARG B 474 6.79 14.65 12.53
N LYS B 476 7.16 12.15 10.45
CA LYS B 476 6.94 10.70 10.40
C LYS B 476 5.87 10.29 11.41
N GLU B 477 5.93 10.84 12.61
CA GLU B 477 4.88 10.63 13.61
C GLU B 477 3.49 11.01 13.11
N SER B 478 3.37 12.21 12.56
CA SER B 478 2.13 12.75 12.01
C SER B 478 1.56 11.93 10.88
N ALA B 479 2.40 11.58 9.91
CA ALA B 479 1.98 10.72 8.82
C ALA B 479 1.36 9.43 9.32
N ASP B 480 2.05 8.74 10.20
CA ASP B 480 1.56 7.40 10.68
C ASP B 480 0.29 7.48 11.52
N ILE B 481 0.22 8.52 12.35
CA ILE B 481 -0.96 8.79 13.14
C ILE B 481 -2.14 9.23 12.24
N LEU B 482 -1.89 10.03 11.21
CA LEU B 482 -2.98 10.43 10.31
C LEU B 482 -3.54 9.22 9.54
N LEU B 483 -2.67 8.34 9.08
CA LEU B 483 -3.08 7.21 8.26
C LEU B 483 -4.10 6.37 8.98
N ASN B 485 -6.07 7.29 11.61
CA ASN B 485 -7.14 8.00 12.27
C ASN B 485 -8.53 7.60 11.74
N THR B 486 -9.43 7.34 12.67
CA THR B 486 -10.80 6.91 12.37
C THR B 486 -11.89 7.91 12.77
N GLU B 487 -11.51 9.07 13.25
CA GLU B 487 -12.49 10.07 13.65
C GLU B 487 -13.15 10.77 12.43
N ASN B 488 -12.37 10.99 11.37
CA ASN B 488 -12.88 11.48 10.09
C ASN B 488 -12.23 10.60 9.02
N LYS B 489 -12.88 9.48 8.73
CA LYS B 489 -12.34 8.55 7.75
C LYS B 489 -12.35 9.17 6.35
N PRO B 490 -13.43 9.86 5.98
CA PRO B 490 -13.32 10.44 4.59
C PRO B 490 -12.16 11.42 4.33
N LEU B 491 -11.83 12.27 5.28
CA LEU B 491 -10.65 13.14 5.20
C LEU B 491 -9.37 12.33 4.97
N ILE B 492 -9.20 11.28 5.76
CA ILE B 492 -8.00 10.42 5.65
C ILE B 492 -7.91 9.77 4.26
N VAL B 493 -9.02 9.31 3.73
CA VAL B 493 -9.07 8.74 2.40
C VAL B 493 -8.60 9.76 1.34
N GLU B 494 -9.10 11.00 1.42
CA GLU B 494 -8.68 12.09 0.52
C GLU B 494 -7.15 12.32 0.52
N ILE B 495 -6.57 12.42 1.71
CA ILE B 495 -5.16 12.82 1.89
C ILE B 495 -4.15 11.66 1.92
N THR B 496 -4.62 10.42 1.97
CA THR B 496 -3.72 9.27 2.17
C THR B 496 -2.54 9.22 1.19
N PRO B 497 -2.77 9.42 -0.11
CA PRO B 497 -1.63 9.37 -1.02
C PRO B 497 -0.54 10.40 -0.71
N TRP B 498 -0.95 11.59 -0.29
CA TRP B 498 0.00 12.67 0.06
C TRP B 498 0.65 12.36 1.37
N VAL B 499 -0.11 11.76 2.27
CA VAL B 499 0.49 11.37 3.51
C VAL B 499 1.63 10.34 3.33
N HIS B 500 1.44 9.35 2.46
CA HIS B 500 2.47 8.38 2.19
C HIS B 500 3.73 9.09 1.66
N GLN B 501 3.49 10.02 0.76
CA GLN B 501 4.58 10.78 0.12
C GLN B 501 5.33 11.66 1.13
N PHE B 502 4.59 12.26 2.06
CA PHE B 502 5.11 13.14 3.12
C PHE B 502 5.98 12.32 4.06
N LYS B 503 5.51 11.14 4.45
CA LYS B 503 6.33 10.18 5.24
C LYS B 503 7.67 9.83 4.54
N LEU B 504 7.62 9.54 3.24
CA LEU B 504 8.80 9.18 2.46
C LEU B 504 9.76 10.35 2.42
N THR B 505 9.23 11.55 2.27
CA THR B 505 10.03 12.78 2.30
C THR B 505 10.80 12.90 3.59
N ALA B 506 10.12 12.68 4.71
CA ALA B 506 10.72 12.75 6.01
C ALA B 506 11.83 11.68 6.22
N GLU B 507 11.54 10.44 5.79
CA GLU B 507 12.52 9.36 5.86
C GLU B 507 13.77 9.70 5.07
N GLY B 509 14.81 12.71 4.35
CA GLY B 509 15.42 13.76 5.14
C GLY B 509 16.34 13.23 6.23
N GLU B 510 15.82 12.34 7.07
CA GLU B 510 16.61 11.73 8.13
C GLU B 510 17.84 11.03 7.65
N GLU B 511 17.74 10.33 6.53
CA GLU B 511 18.87 9.55 6.02
C GLU B 511 19.90 10.50 5.43
N VAL B 512 19.45 11.53 4.73
CA VAL B 512 20.36 12.51 4.13
C VAL B 512 21.18 13.22 5.20
N LEU B 513 20.56 13.47 6.36
CA LEU B 513 21.26 14.11 7.48
C LEU B 513 22.29 13.16 8.13
N LYS B 514 21.96 11.88 8.19
CA LYS B 514 22.92 10.87 8.66
C LYS B 514 24.14 10.85 7.78
N VAL B 516 25.23 13.54 6.21
CA VAL B 516 25.97 14.79 6.51
C VAL B 516 26.91 14.53 7.68
N GLU B 517 26.41 13.79 8.67
CA GLU B 517 27.24 13.22 9.75
C GLU B 517 28.09 11.98 9.35
N GLY B 518 28.14 11.67 8.05
CA GLY B 518 28.93 10.54 7.51
C GLY B 518 30.07 10.06 8.39
N ARG B 519 29.81 9.01 9.17
CA ARG B 519 30.81 8.36 10.01
C ARG B 519 32.02 7.88 9.19
N ASN B 520 31.81 6.76 8.49
CA ASN B 520 32.82 6.11 7.67
C ASN B 520 32.23 5.88 6.30
N GLU B 521 33.01 5.24 5.41
CA GLU B 521 32.62 5.05 4.02
C GLU B 521 31.44 4.08 3.86
N SER B 522 31.48 2.97 4.61
CA SER B 522 30.49 1.94 4.43
C SER B 522 29.10 2.34 5.01
N TYR B 523 29.11 3.14 6.07
CA TYR B 523 27.89 3.75 6.62
C TYR B 523 27.31 4.76 5.64
N PHE B 524 28.15 5.59 5.05
CA PHE B 524 27.68 6.55 4.06
C PHE B 524 26.96 5.85 2.89
N LEU B 525 27.55 4.75 2.43
CA LEU B 525 27.00 4.02 1.30
C LEU B 525 25.71 3.28 1.67
N ARG B 526 25.59 2.82 2.91
CA ARG B 526 24.33 2.26 3.34
C ARG B 526 23.22 3.31 3.26
N LYS B 527 23.52 4.49 3.80
CA LYS B 527 22.56 5.61 3.78
C LYS B 527 22.22 6.05 2.38
N TYR B 528 23.25 6.17 1.54
CA TYR B 528 23.09 6.50 0.12
C TYR B 528 22.17 5.53 -0.63
N ASN B 529 22.35 4.23 -0.38
CA ASN B 529 21.55 3.21 -1.07
C ASN B 529 20.14 3.27 -0.56
N HIS B 530 20.01 3.52 0.75
CA HIS B 530 18.70 3.71 1.35
C HIS B 530 17.96 4.90 0.77
N VAL B 531 18.64 6.04 0.58
CA VAL B 531 18.05 7.20 -0.11
C VAL B 531 17.58 6.90 -1.54
N LYS B 532 18.41 6.27 -2.38
CA LYS B 532 18.02 5.94 -3.75
C LYS B 532 16.73 5.13 -3.84
N ALA B 533 16.59 4.18 -2.92
CA ALA B 533 15.40 3.33 -2.74
C ALA B 533 14.13 4.10 -2.34
N LEU B 534 14.29 5.04 -1.41
CA LEU B 534 13.27 5.99 -1.06
C LEU B 534 12.87 6.86 -2.24
N GLN B 535 13.84 7.32 -3.04
CA GLN B 535 13.54 8.07 -4.26
C GLN B 535 12.69 7.24 -5.19
N GLN B 536 13.05 5.97 -5.36
CA GLN B 536 12.25 5.11 -6.22
C GLN B 536 10.86 4.95 -5.68
N GLN B 537 10.70 4.81 -4.37
CA GLN B 537 9.36 4.64 -3.84
C GLN B 537 8.50 5.89 -4.04
N PHE B 539 8.78 7.97 -6.57
CA PHE B 539 8.42 7.90 -7.98
C PHE B 539 7.21 7.00 -8.24
N TYR B 540 7.21 5.82 -7.61
CA TYR B 540 6.10 4.88 -7.68
C TYR B 540 4.78 5.49 -7.20
N ILE B 541 4.76 6.12 -6.02
CA ILE B 541 3.56 6.84 -5.57
C ILE B 541 3.15 7.90 -6.60
N ASP B 542 4.11 8.65 -7.14
CA ASP B 542 3.86 9.75 -8.11
C ASP B 542 3.27 9.27 -9.46
N GLN B 543 3.51 7.99 -9.78
CA GLN B 543 3.00 7.36 -10.98
C GLN B 543 1.75 6.50 -10.80
N THR B 544 1.41 6.13 -9.58
CA THR B 544 0.29 5.25 -9.37
C THR B 544 -0.92 5.96 -8.68
N SER B 545 -0.64 7.00 -7.90
CA SER B 545 -1.68 7.73 -7.20
C SER B 545 -2.12 8.99 -7.96
N ASN B 546 -3.40 9.38 -7.84
CA ASN B 546 -3.88 10.65 -8.41
C ASN B 546 -3.52 10.85 -9.91
N GLN B 547 -3.74 9.82 -10.69
CA GLN B 547 -3.43 9.88 -12.11
C GLN B 547 -4.56 10.53 -12.90
N ASN B 548 -4.61 11.85 -12.79
CA ASN B 548 -5.55 12.63 -13.56
C ASN B 548 -4.88 13.13 -14.87
N PRO B 549 -5.68 13.56 -15.84
CA PRO B 549 -5.16 13.98 -17.14
C PRO B 549 -4.29 15.25 -17.18
N TYR B 550 -4.33 16.06 -16.13
CA TYR B 550 -3.76 17.41 -16.19
C TYR B 550 -2.44 17.63 -15.39
N GLN B 551 -2.46 17.32 -14.10
CA GLN B 551 -1.29 17.37 -13.22
C GLN B 551 -1.30 16.07 -12.43
N PRO B 552 -0.85 14.98 -13.07
CA PRO B 552 -0.87 13.71 -12.34
C PRO B 552 0.12 13.68 -11.18
N GLY B 553 -0.22 12.85 -10.20
CA GLY B 553 0.65 12.46 -9.13
C GLY B 553 0.44 13.14 -7.80
N VAL B 554 1.52 13.13 -7.00
CA VAL B 554 1.50 13.51 -5.61
C VAL B 554 2.79 14.26 -5.23
N LYS B 555 2.64 15.55 -4.97
CA LYS B 555 3.71 16.40 -4.50
C LYS B 555 3.39 16.91 -3.11
N THR B 556 4.44 17.00 -2.30
CA THR B 556 4.29 17.41 -0.91
C THR B 556 5.56 18.16 -0.43
N ALA B 557 5.37 19.08 0.50
CA ALA B 557 6.51 19.77 1.15
C ALA B 557 7.45 20.32 0.10
N THR B 558 6.87 20.93 -0.91
CA THR B 558 7.62 21.31 -2.11
C THR B 558 8.36 22.66 -2.05
N ARG B 559 7.97 23.55 -1.17
CA ARG B 559 8.55 24.90 -1.19
C ARG B 559 9.93 25.00 -0.54
N VAL B 560 10.08 24.45 0.66
CA VAL B 560 11.32 24.50 1.45
C VAL B 560 11.92 23.11 1.71
N ILE B 561 11.10 22.14 2.15
CA ILE B 561 11.63 20.87 2.63
C ILE B 561 12.27 20.01 1.49
N LYS B 562 11.55 19.77 0.39
CA LYS B 562 12.05 18.91 -0.65
C LYS B 562 13.28 19.51 -1.34
N PRO B 563 13.25 20.81 -1.67
CA PRO B 563 14.48 21.43 -2.19
C PRO B 563 15.68 21.33 -1.23
N LEU B 564 15.47 21.49 0.07
CA LEU B 564 16.56 21.37 1.04
C LEU B 564 17.21 19.98 1.10
N ILE B 565 16.37 18.93 1.09
CA ILE B 565 16.84 17.56 1.13
C ILE B 565 17.59 17.22 -0.13
N ASP B 566 17.02 17.63 -1.26
CA ASP B 566 17.60 17.33 -2.55
C ASP B 566 18.96 18.01 -2.67
N ARG B 567 19.04 19.29 -2.33
CA ARG B 567 20.29 20.06 -2.41
C ARG B 567 21.36 19.54 -1.46
N THR B 568 20.97 19.14 -0.27
CA THR B 568 21.88 18.58 0.70
C THR B 568 22.41 17.21 0.24
N PHE B 569 21.54 16.41 -0.38
CA PHE B 569 21.94 15.16 -0.97
C PHE B 569 22.98 15.42 -2.11
N ALA B 570 22.63 16.27 -3.05
CA ALA B 570 23.51 16.56 -4.17
C ALA B 570 24.89 16.93 -3.63
N THR B 571 24.91 17.78 -2.61
CA THR B 571 26.14 18.35 -2.06
C THR B 571 26.98 17.35 -1.28
N VAL B 572 26.37 16.58 -0.37
CA VAL B 572 27.11 15.59 0.40
C VAL B 572 27.68 14.48 -0.50
N VAL B 573 27.00 14.18 -1.60
CA VAL B 573 27.47 13.24 -2.61
C VAL B 573 28.67 13.80 -3.38
N LYS B 574 28.62 15.07 -3.76
CA LYS B 574 29.77 15.71 -4.39
C LYS B 574 31.01 15.61 -3.48
N PHE B 575 30.88 15.96 -2.21
CA PHE B 575 31.99 15.90 -1.29
C PHE B 575 32.58 14.51 -1.15
N PHE B 576 31.72 13.50 -1.16
CA PHE B 576 32.14 12.11 -1.03
C PHE B 576 32.95 11.68 -2.25
N ASN B 577 32.40 11.97 -3.43
CA ASN B 577 33.08 11.71 -4.67
C ASN B 577 34.46 12.38 -4.72
N GLN B 578 34.55 13.64 -4.30
CA GLN B 578 35.82 14.36 -4.16
C GLN B 578 36.76 13.67 -3.16
N LYS B 579 36.24 13.38 -1.97
CA LYS B 579 37.07 12.81 -0.92
C LYS B 579 37.53 11.36 -1.21
N PHE B 580 36.76 10.63 -2.03
CA PHE B 580 37.08 9.24 -2.32
C PHE B 580 37.27 8.96 -3.80
N ASN B 581 37.49 9.99 -4.60
CA ASN B 581 37.53 9.81 -6.04
C ASN B 581 36.49 8.78 -6.48
N ALA B 582 35.25 8.95 -6.01
CA ALA B 582 34.16 8.04 -6.31
C ALA B 582 33.33 8.67 -7.42
N HIS B 583 32.36 7.90 -7.94
CA HIS B 583 31.52 8.35 -9.06
C HIS B 583 30.01 8.19 -8.77
N LEU B 584 29.60 8.45 -7.52
CA LEU B 584 28.17 8.33 -7.12
C LEU B 584 27.27 9.30 -7.86
N ASP B 585 26.12 8.79 -8.33
CA ASP B 585 25.12 9.60 -9.01
C ASP B 585 24.43 10.47 -7.96
N ALA B 586 24.34 11.75 -8.27
CA ALA B 586 23.81 12.73 -7.35
C ALA B 586 22.43 13.22 -7.77
N THR B 587 21.81 12.50 -8.71
CA THR B 587 20.43 12.75 -9.15
C THR B 587 19.45 12.59 -8.01
N THR B 588 18.47 13.49 -7.99
CA THR B 588 17.58 13.65 -6.85
C THR B 588 16.13 13.14 -7.08
N ASP B 589 15.67 13.18 -8.34
CA ASP B 589 14.44 12.54 -8.74
C ASP B 589 14.78 11.31 -9.55
N TYR B 590 14.23 10.19 -9.11
CA TYR B 590 14.43 8.91 -9.75
C TYR B 590 13.73 8.90 -11.11
N PRO B 592 13.52 6.09 -14.37
CA PRO B 592 13.95 4.79 -14.88
C PRO B 592 14.47 4.84 -16.33
N HIS B 593 14.02 5.83 -17.10
CA HIS B 593 14.41 6.02 -18.51
C HIS B 593 15.61 6.97 -18.63
N LYS B 594 16.39 6.79 -19.70
CA LYS B 594 17.70 7.46 -19.89
C LYS B 594 17.74 8.32 -21.15
N ASN B 604 21.51 17.35 -20.68
CA ASN B 604 21.32 18.02 -19.38
C ASN B 604 19.86 18.19 -18.91
N LEU B 605 18.92 18.28 -19.85
CA LEU B 605 17.48 18.40 -19.52
C LEU B 605 16.93 17.10 -18.90
N PRO B 606 16.14 17.22 -17.80
CA PRO B 606 15.65 15.99 -17.14
C PRO B 606 14.43 15.40 -17.85
N LEU B 607 14.38 14.07 -17.94
CA LEU B 607 13.21 13.37 -18.47
C LEU B 607 12.07 13.42 -17.45
N GLN B 608 10.84 13.48 -17.95
CA GLN B 608 9.67 13.40 -17.12
C GLN B 608 8.79 12.24 -17.62
N VAL B 609 8.08 11.59 -16.69
CA VAL B 609 7.07 10.60 -17.03
C VAL B 609 5.74 11.18 -16.55
N LYS B 610 4.73 11.21 -17.42
CA LYS B 610 3.38 11.65 -17.07
C LYS B 610 2.38 10.74 -17.75
N ALA B 611 1.72 9.91 -16.94
CA ALA B 611 0.93 8.79 -17.48
C ALA B 611 1.77 8.01 -18.49
N ASN B 612 1.26 7.90 -19.71
CA ASN B 612 1.91 7.12 -20.78
C ASN B 612 2.83 7.98 -21.69
N ARG B 613 3.26 9.14 -21.20
CA ARG B 613 4.17 10.00 -21.96
C ARG B 613 5.55 10.01 -21.31
N VAL B 614 6.59 10.03 -22.13
CA VAL B 614 7.96 10.24 -21.71
C VAL B 614 8.44 11.52 -22.40
N LEU B 615 8.65 12.59 -21.62
CA LEU B 615 9.00 13.93 -22.11
C LEU B 615 10.44 14.29 -21.82
N ILE B 616 11.04 15.13 -22.67
CA ILE B 616 12.20 15.93 -22.27
C ILE B 616 11.65 17.27 -21.79
N SER B 617 12.10 17.69 -20.61
CA SER B 617 11.71 18.97 -20.00
C SER B 617 12.03 20.16 -20.92
N PRO B 618 11.03 21.02 -21.22
CA PRO B 618 11.25 22.23 -22.04
C PRO B 618 12.37 23.14 -21.54
N VAL B 631 18.99 13.98 -27.91
CA VAL B 631 19.53 13.28 -29.07
C VAL B 631 19.06 11.81 -29.07
N GLU B 632 19.26 11.10 -27.94
CA GLU B 632 18.94 9.65 -27.85
C GLU B 632 18.30 9.27 -26.50
N ILE B 633 17.04 8.82 -26.55
CA ILE B 633 16.33 8.35 -25.35
C ILE B 633 16.27 6.82 -25.31
N GLU B 634 16.74 6.23 -24.22
CA GLU B 634 16.61 4.79 -23.99
C GLU B 634 15.58 4.57 -22.85
N LEU B 635 14.46 3.92 -23.18
CA LEU B 635 13.46 3.52 -22.18
C LEU B 635 13.93 2.26 -21.43
N ASP B 636 13.30 1.98 -20.29
CA ASP B 636 13.74 0.90 -19.40
C ASP B 636 13.32 -0.48 -19.90
N ALA B 637 12.53 -0.51 -20.98
CA ALA B 637 12.08 -1.75 -21.60
C ALA B 637 11.50 -1.48 -23.00
N ILE B 638 11.13 -2.54 -23.73
CA ILE B 638 10.44 -2.37 -25.01
C ILE B 638 8.93 -2.21 -24.80
N TYR B 639 8.35 -1.16 -25.38
CA TYR B 639 6.92 -0.89 -25.29
C TYR B 639 6.33 -0.73 -26.68
N PRO B 640 5.00 -1.01 -26.83
CA PRO B 640 4.31 -0.58 -28.04
C PRO B 640 4.30 0.94 -28.13
N GLY B 641 4.84 1.48 -29.22
CA GLY B 641 4.92 2.93 -29.42
C GLY B 641 3.64 3.48 -30.00
N GLU B 642 3.25 4.67 -29.55
CA GLU B 642 1.99 5.28 -29.95
C GLU B 642 2.22 6.41 -30.96
N ASN B 643 3.00 7.42 -30.53
CA ASN B 643 3.35 8.60 -31.37
C ASN B 643 4.43 9.51 -30.75
N ILE B 644 5.16 10.23 -31.60
CA ILE B 644 6.11 11.27 -31.14
C ILE B 644 5.59 12.65 -31.56
N GLN B 645 5.80 13.65 -30.69
CA GLN B 645 5.52 15.05 -31.01
C GLN B 645 6.67 15.98 -30.58
N ILE B 646 7.36 16.55 -31.57
CA ILE B 646 8.46 17.48 -31.31
C ILE B 646 7.98 18.91 -31.66
N ASN B 647 8.71 19.94 -31.23
CA ASN B 647 8.38 21.34 -31.57
C ASN B 647 9.56 22.30 -31.42
N PHE B 648 9.78 23.10 -32.46
CA PHE B 648 10.75 24.19 -32.40
C PHE B 648 10.06 25.49 -32.82
N ARG B 679 5.89 22.35 -35.32
CA ARG B 679 4.94 21.56 -34.54
C ARG B 679 4.76 20.15 -35.13
N LEU B 680 5.83 19.36 -35.10
CA LEU B 680 5.92 18.07 -35.79
C LEU B 680 5.21 16.94 -35.00
N SER B 681 4.93 15.83 -35.69
CA SER B 681 4.16 14.71 -35.12
C SER B 681 4.19 13.47 -36.05
N ALA B 682 4.13 12.28 -35.46
CA ALA B 682 4.26 11.02 -36.21
C ALA B 682 3.76 9.80 -35.41
N GLY B 683 2.61 9.26 -35.80
CA GLY B 683 2.07 8.02 -35.19
C GLY B 683 2.94 6.79 -35.47
N LEU B 684 3.16 5.97 -34.44
CA LEU B 684 4.11 4.85 -34.55
C LEU B 684 3.46 3.51 -34.83
N GLN B 685 2.11 3.47 -34.84
CA GLN B 685 1.32 2.27 -35.16
C GLN B 685 1.69 1.02 -34.30
N LYS B 686 1.89 1.26 -33.00
CA LYS B 686 2.21 0.20 -32.01
C LYS B 686 3.56 -0.48 -32.23
N ALA B 687 4.47 0.20 -32.94
CA ALA B 687 5.76 -0.38 -33.28
C ALA B 687 6.60 -0.54 -32.01
N PRO B 688 7.12 -1.76 -31.74
CA PRO B 688 7.94 -1.92 -30.53
C PRO B 688 9.06 -0.89 -30.51
N VAL B 689 9.23 -0.22 -29.38
CA VAL B 689 10.25 0.82 -29.25
C VAL B 689 10.89 0.81 -27.86
N LYS B 690 12.22 0.82 -27.85
CA LYS B 690 13.03 0.99 -26.65
C LYS B 690 13.87 2.25 -26.77
N PHE B 691 14.68 2.32 -27.83
CA PHE B 691 15.52 3.51 -28.07
C PHE B 691 14.80 4.44 -29.03
N VAL B 692 15.12 5.73 -28.92
CA VAL B 692 14.60 6.74 -29.83
C VAL B 692 15.69 7.76 -30.07
N ARG B 693 16.12 7.94 -31.33
CA ARG B 693 17.24 8.84 -31.70
C ARG B 693 16.91 9.90 -32.76
N PHE B 694 17.23 11.16 -32.47
CA PHE B 694 16.99 12.30 -33.40
C PHE B 694 18.30 12.96 -33.81
N PHE B 709 8.88 17.72 -27.27
CA PHE B 709 9.49 16.40 -27.42
C PHE B 709 8.82 15.34 -26.50
N VAL B 710 7.73 14.74 -26.97
CA VAL B 710 6.98 13.80 -26.14
C VAL B 710 6.79 12.47 -26.86
N LEU B 711 7.28 11.40 -26.25
CA LEU B 711 7.02 10.05 -26.71
C LEU B 711 5.81 9.52 -25.94
N THR B 712 4.76 9.12 -26.64
CA THR B 712 3.64 8.41 -26.01
C THR B 712 3.77 6.91 -26.33
N ILE B 713 3.37 6.08 -25.37
CA ILE B 713 3.53 4.63 -25.45
C ILE B 713 2.29 3.93 -24.88
N GLU B 714 2.13 2.65 -25.19
CA GLU B 714 1.07 1.82 -24.63
C GLU B 714 1.52 1.30 -23.25
N LYS B 715 0.85 1.79 -22.21
CA LYS B 715 1.25 1.54 -20.83
C LYS B 715 0.02 1.52 -19.93
N UNK C 1 -26.06 -17.55 25.76
CA UNK C 1 -25.57 -16.41 24.94
C UNK C 1 -26.68 -15.38 24.70
N UNK C 2 -26.36 -14.09 24.88
CA UNK C 2 -27.25 -12.97 24.51
C UNK C 2 -26.56 -12.08 23.45
N UNK C 3 -27.33 -11.31 22.67
CA UNK C 3 -26.81 -10.46 21.58
C UNK C 3 -27.22 -8.99 21.72
N UNK C 4 -26.41 -8.09 21.16
CA UNK C 4 -26.62 -6.63 21.15
C UNK C 4 -26.88 -6.05 22.53
N UNK C 5 -30.98 -3.37 24.67
CA UNK C 5 -31.93 -4.43 24.31
C UNK C 5 -31.20 -5.74 23.96
N UNK C 6 -31.31 -6.73 24.85
CA UNK C 6 -30.59 -8.02 24.73
C UNK C 6 -31.50 -9.25 24.48
N UNK C 7 -31.49 -9.77 23.24
CA UNK C 7 -32.19 -11.01 22.89
C UNK C 7 -31.30 -12.23 23.20
N UNK C 8 -31.91 -13.31 23.68
CA UNK C 8 -31.18 -14.53 24.04
C UNK C 8 -31.12 -15.51 22.87
N UNK C 9 -30.10 -16.39 22.86
CA UNK C 9 -29.86 -17.34 21.76
C UNK C 9 -29.50 -18.73 22.29
N UNK C 10 -29.92 -19.79 21.58
CA UNK C 10 -29.76 -21.18 22.05
C UNK C 10 -28.59 -21.90 21.35
N UNK C 11 -27.98 -22.87 22.04
CA UNK C 11 -26.77 -23.56 21.54
C UNK C 11 -27.08 -24.94 20.92
N UNK C 12 -26.03 -25.72 20.61
CA UNK C 12 -26.19 -26.92 19.76
C UNK C 12 -25.80 -28.20 20.49
N UNK D 1 13.67 11.59 -36.90
CA UNK D 1 13.70 10.63 -35.77
C UNK D 1 13.94 9.20 -36.27
N UNK D 2 14.48 8.36 -35.38
CA UNK D 2 14.65 6.92 -35.62
C UNK D 2 14.30 6.14 -34.33
N UNK D 3 13.96 4.84 -34.47
CA UNK D 3 13.49 4.02 -33.33
C UNK D 3 14.19 2.65 -33.26
N UNK D 4 14.46 2.18 -32.04
CA UNK D 4 15.05 0.84 -31.80
C UNK D 4 16.55 0.79 -32.12
N UNK D 5 20.10 -1.58 -35.05
CA UNK D 5 19.06 -1.65 -36.08
C UNK D 5 17.97 -0.58 -35.87
N UNK D 6 18.13 0.58 -36.53
CA UNK D 6 17.17 1.68 -36.48
C UNK D 6 16.13 1.56 -37.60
N UNK D 7 15.01 2.26 -37.44
CA UNK D 7 13.98 2.38 -38.50
C UNK D 7 13.43 3.81 -38.50
N UNK D 8 13.78 4.62 -39.49
CA UNK D 8 13.43 6.05 -39.52
C UNK D 8 11.91 6.31 -39.52
N UNK D 9 11.52 7.57 -39.27
CA UNK D 9 10.11 7.96 -39.17
C UNK D 9 9.88 9.38 -39.72
N UNK D 10 8.84 9.55 -40.54
CA UNK D 10 8.53 10.83 -41.19
C UNK D 10 7.50 11.68 -40.41
N UNK D 11 7.86 12.93 -40.09
CA UNK D 11 7.04 13.82 -39.25
C UNK D 11 6.06 14.65 -40.08
N UNK D 12 5.35 15.58 -39.45
CA UNK D 12 4.49 16.56 -40.14
C UNK D 12 4.85 18.00 -39.74
#